data_4Y1P
#
_entry.id   4Y1P
#
_cell.length_a   89.024
_cell.length_b   136.719
_cell.length_c   112.519
_cell.angle_alpha   90.00
_cell.angle_beta   90.00
_cell.angle_gamma   90.00
#
_symmetry.space_group_name_H-M   'C 2 2 21'
#
loop_
_entity.id
_entity.type
_entity.pdbx_description
1 polymer '3-isopropylmalate dehydrogenase'
2 non-polymer 'MAGNESIUM ION'
3 non-polymer '3-ISOPROPYLMALIC ACID'
4 non-polymer 'SULFATE ION'
5 water water
#
_entity_poly.entity_id   1
_entity_poly.type   'polypeptide(L)'
_entity_poly.pdbx_seq_one_letter_code
;MGFVVALIQGDGIGPEVVSKSKTILARLNEKFSLPIEYIEVEAGDTTKNKFGDALPKDSLRVIEKADMILKGPVGETAAD
VVVKLRLMYDLYANLRPAKSLPGLENKFGDVDILVVRENTEDLYKGLEHVISDGVTVGIKVITRAASTRIAQVALNQALR
RKKKVVCVHKSNVMRITDGLFAESCRNVLKGKVEYSEMYVDAAAANLVRNPQAFDVIVTENTYGDILSDEAGQIAGSLGI
SPSANIGDRKSLFEPVHGAAFDIAGKNIANPTAFLLSVGMMLDRMQELSGDIRYNNAAKSLRDAIYSVYSEGKYLTPDVG
GSSTTDEMISAIRSKIG
;
_entity_poly.pdbx_strand_id   A,B
#
# COMPACT_ATOMS: atom_id res chain seq x y z
N GLY A 2 -22.88 -31.09 11.86
CA GLY A 2 -22.68 -31.05 10.40
C GLY A 2 -21.77 -29.91 10.02
N PHE A 3 -21.50 -29.78 8.73
CA PHE A 3 -20.57 -28.78 8.21
C PHE A 3 -21.24 -28.00 7.10
N VAL A 4 -20.89 -26.73 6.98
CA VAL A 4 -21.25 -25.89 5.85
C VAL A 4 -19.92 -25.60 5.12
N VAL A 5 -19.91 -25.89 3.81
CA VAL A 5 -18.70 -25.77 3.00
C VAL A 5 -18.96 -24.70 1.93
N ALA A 6 -18.17 -23.62 1.97
CA ALA A 6 -18.11 -22.67 0.86
C ALA A 6 -17.36 -23.30 -0.32
N LEU A 7 -18.05 -23.47 -1.43
CA LEU A 7 -17.51 -24.11 -2.61
C LEU A 7 -17.23 -23.05 -3.68
N ILE A 8 -15.96 -22.85 -3.98
CA ILE A 8 -15.57 -21.87 -4.96
C ILE A 8 -15.10 -22.59 -6.20
N GLN A 9 -15.75 -22.32 -7.32
CA GLN A 9 -15.43 -22.99 -8.59
C GLN A 9 -14.16 -22.48 -9.25
N GLY A 10 -13.98 -21.16 -9.25
CA GLY A 10 -12.76 -20.59 -9.81
C GLY A 10 -12.83 -20.32 -11.29
N ASP A 11 -11.66 -20.34 -11.93
CA ASP A 11 -11.53 -19.97 -13.35
C ASP A 11 -10.80 -21.05 -14.12
N GLY A 12 -10.76 -20.91 -15.45
CA GLY A 12 -10.11 -21.87 -16.31
C GLY A 12 -10.76 -23.24 -16.17
N ILE A 13 -10.01 -24.25 -15.73
CA ILE A 13 -10.59 -25.61 -15.58
C ILE A 13 -11.32 -25.75 -14.27
N GLY A 14 -11.28 -24.72 -13.42
CA GLY A 14 -11.94 -24.82 -12.13
C GLY A 14 -13.41 -25.18 -12.22
N PRO A 15 -14.16 -24.42 -13.04
CA PRO A 15 -15.59 -24.72 -13.12
C PRO A 15 -15.90 -26.15 -13.55
N GLU A 16 -15.25 -26.63 -14.61
CA GLU A 16 -15.59 -27.94 -15.13
C GLU A 16 -15.19 -29.04 -14.15
N VAL A 17 -14.01 -28.92 -13.52
CA VAL A 17 -13.54 -29.94 -12.57
C VAL A 17 -14.43 -29.98 -11.31
N VAL A 18 -14.70 -28.80 -10.73
CA VAL A 18 -15.55 -28.72 -9.56
C VAL A 18 -17.00 -29.17 -9.87
N SER A 19 -17.59 -28.64 -10.95
CA SER A 19 -18.99 -28.95 -11.23
C SER A 19 -19.16 -30.43 -11.59
N LYS A 20 -18.26 -30.98 -12.40
CA LYS A 20 -18.33 -32.43 -12.69
C LYS A 20 -18.07 -33.28 -11.44
N SER A 21 -17.18 -32.83 -10.56
CA SER A 21 -16.83 -33.60 -9.35
C SER A 21 -17.99 -33.62 -8.35
N LYS A 22 -18.90 -32.67 -8.54
CA LYS A 22 -20.02 -32.47 -7.65
C LYS A 22 -20.88 -33.71 -7.55
N THR A 23 -20.97 -34.46 -8.65
CA THR A 23 -21.69 -35.72 -8.65
C THR A 23 -21.11 -36.72 -7.64
N ILE A 24 -19.79 -36.74 -7.48
CA ILE A 24 -19.16 -37.59 -6.47
C ILE A 24 -19.38 -37.05 -5.05
N LEU A 25 -19.33 -35.74 -4.86
CA LEU A 25 -19.57 -35.17 -3.54
C LEU A 25 -21.01 -35.48 -3.06
N ALA A 26 -21.97 -35.40 -3.97
CA ALA A 26 -23.37 -35.68 -3.65
C ALA A 26 -23.56 -37.17 -3.40
N ARG A 27 -22.94 -38.01 -4.21
CA ARG A 27 -23.00 -39.47 -3.95
C ARG A 27 -22.40 -39.90 -2.60
N LEU A 28 -21.31 -39.26 -2.16
CA LEU A 28 -20.76 -39.51 -0.83
C LEU A 28 -21.70 -39.04 0.29
N ASN A 29 -22.33 -37.89 0.10
CA ASN A 29 -23.27 -37.33 1.07
C ASN A 29 -24.42 -38.30 1.34
N GLU A 30 -24.92 -38.91 0.26
CA GLU A 30 -26.04 -39.84 0.32
C GLU A 30 -25.60 -41.20 0.82
N LYS A 31 -24.55 -41.76 0.24
CA LYS A 31 -24.14 -43.11 0.61
C LYS A 31 -23.73 -43.21 2.09
N PHE A 32 -23.10 -42.16 2.63
CA PHE A 32 -22.56 -42.20 3.99
C PHE A 32 -23.31 -41.27 4.94
N SER A 33 -24.47 -40.79 4.49
CA SER A 33 -25.31 -39.88 5.29
C SER A 33 -24.49 -38.74 5.88
N LEU A 34 -23.72 -38.08 5.03
CA LEU A 34 -22.89 -36.94 5.48
C LEU A 34 -23.70 -35.65 5.61
N PRO A 35 -23.78 -35.06 6.83
CA PRO A 35 -24.48 -33.79 7.03
C PRO A 35 -23.69 -32.55 6.56
N ILE A 36 -23.29 -32.54 5.30
CA ILE A 36 -22.48 -31.48 4.72
C ILE A 36 -23.33 -30.71 3.71
N GLU A 37 -23.42 -29.40 3.90
CA GLU A 37 -24.06 -28.54 2.95
C GLU A 37 -23.01 -27.74 2.16
N TYR A 38 -23.00 -27.90 0.85
CA TYR A 38 -22.16 -27.07 -0.02
C TYR A 38 -22.93 -25.85 -0.46
N ILE A 39 -22.35 -24.67 -0.28
CA ILE A 39 -22.93 -23.41 -0.76
C ILE A 39 -21.96 -22.85 -1.79
N GLU A 40 -22.43 -22.61 -2.99
CA GLU A 40 -21.53 -22.08 -4.01
C GLU A 40 -21.29 -20.59 -3.78
N VAL A 41 -20.02 -20.20 -3.76
CA VAL A 41 -19.70 -18.80 -3.59
C VAL A 41 -18.87 -18.25 -4.73
N GLU A 42 -19.02 -16.96 -4.96
CA GLU A 42 -18.39 -16.26 -6.06
C GLU A 42 -16.96 -15.79 -5.72
N ALA A 43 -15.97 -16.24 -6.49
CA ALA A 43 -14.63 -15.68 -6.43
C ALA A 43 -13.86 -15.82 -7.75
N GLY A 44 -13.03 -14.83 -8.04
CA GLY A 44 -12.06 -14.96 -9.14
C GLY A 44 -12.22 -13.94 -10.25
N ASP A 45 -11.61 -14.26 -11.39
CA ASP A 45 -11.44 -13.35 -12.53
C ASP A 45 -12.77 -12.87 -13.09
N THR A 46 -13.66 -13.82 -13.38
CA THR A 46 -15.01 -13.51 -13.83
C THR A 46 -15.79 -12.79 -12.73
N THR A 47 -15.74 -13.29 -11.50
CA THR A 47 -16.35 -12.59 -10.39
C THR A 47 -15.89 -11.11 -10.33
N LYS A 48 -14.61 -10.84 -10.54
CA LYS A 48 -14.12 -9.46 -10.52
C LYS A 48 -14.82 -8.56 -11.56
N ASN A 49 -15.11 -9.12 -12.74
CA ASN A 49 -15.86 -8.38 -13.76
C ASN A 49 -17.28 -7.99 -13.38
N LYS A 50 -17.95 -8.85 -12.59
CA LYS A 50 -19.32 -8.62 -12.16
C LYS A 50 -19.38 -7.67 -10.96
N PHE A 51 -18.52 -7.90 -9.96
CA PHE A 51 -18.57 -7.12 -8.71
C PHE A 51 -17.60 -5.94 -8.67
N GLY A 52 -16.49 -6.05 -9.39
CA GLY A 52 -15.34 -5.13 -9.23
C GLY A 52 -14.31 -5.61 -8.21
N ASP A 53 -14.65 -6.67 -7.48
CA ASP A 53 -13.76 -7.32 -6.50
C ASP A 53 -13.72 -8.82 -6.80
N ALA A 54 -12.52 -9.38 -6.79
CA ALA A 54 -12.35 -10.80 -7.04
C ALA A 54 -12.91 -11.60 -5.88
N LEU A 55 -12.92 -11.02 -4.68
CA LEU A 55 -13.49 -11.67 -3.53
C LEU A 55 -14.45 -10.67 -2.86
N PRO A 56 -15.68 -10.56 -3.35
CA PRO A 56 -16.57 -9.49 -2.83
C PRO A 56 -17.15 -9.76 -1.43
N LYS A 57 -17.66 -8.71 -0.82
CA LYS A 57 -18.27 -8.76 0.51
C LYS A 57 -19.29 -9.89 0.66
N ASP A 58 -20.13 -10.08 -0.35
CA ASP A 58 -21.18 -11.10 -0.32
C ASP A 58 -20.58 -12.49 -0.13
N SER A 59 -19.47 -12.75 -0.82
CA SER A 59 -18.75 -14.00 -0.69
C SER A 59 -18.13 -14.12 0.70
N LEU A 60 -17.56 -13.04 1.19
CA LEU A 60 -16.95 -13.04 2.51
C LEU A 60 -17.99 -13.29 3.59
N ARG A 61 -19.18 -12.78 3.37
CA ARG A 61 -20.27 -13.00 4.30
C ARG A 61 -20.56 -14.51 4.38
N VAL A 62 -20.58 -15.19 3.25
CA VAL A 62 -20.89 -16.61 3.25
C VAL A 62 -19.75 -17.42 3.90
N ILE A 63 -18.53 -17.05 3.56
CA ILE A 63 -17.36 -17.75 4.05
C ILE A 63 -17.24 -17.61 5.56
N GLU A 64 -17.44 -16.39 6.06
CA GLU A 64 -17.46 -16.16 7.49
C GLU A 64 -18.43 -17.12 8.20
N LYS A 65 -19.59 -17.38 7.58
CA LYS A 65 -20.57 -18.33 8.13
C LYS A 65 -20.16 -19.79 8.01
N ALA A 66 -19.53 -20.16 6.90
CA ALA A 66 -19.09 -21.53 6.64
C ALA A 66 -18.00 -22.01 7.62
N ASP A 67 -17.84 -23.33 7.67
CA ASP A 67 -16.82 -23.99 8.46
C ASP A 67 -15.52 -24.16 7.68
N MET A 68 -15.65 -24.37 6.38
CA MET A 68 -14.55 -24.75 5.54
C MET A 68 -14.76 -24.23 4.15
N ILE A 69 -13.67 -24.14 3.43
CA ILE A 69 -13.64 -23.69 2.05
C ILE A 69 -13.02 -24.80 1.21
N LEU A 70 -13.68 -25.09 0.09
CA LEU A 70 -13.27 -26.07 -0.87
C LEU A 70 -13.26 -25.36 -2.21
N LYS A 71 -12.14 -25.38 -2.92
CA LYS A 71 -12.06 -24.56 -4.13
C LYS A 71 -11.28 -25.14 -5.28
N GLY A 72 -11.68 -24.74 -6.49
CA GLY A 72 -10.89 -24.99 -7.68
C GLY A 72 -9.88 -23.87 -7.80
N PRO A 73 -8.99 -23.94 -8.81
CA PRO A 73 -8.05 -22.85 -9.03
C PRO A 73 -8.75 -21.57 -9.53
N VAL A 74 -8.19 -20.43 -9.15
CA VAL A 74 -8.56 -19.11 -9.64
C VAL A 74 -7.44 -18.66 -10.62
N GLY A 75 -7.80 -17.80 -11.58
CA GLY A 75 -6.84 -17.33 -12.59
C GLY A 75 -5.96 -16.16 -12.15
N GLU A 76 -6.03 -15.05 -12.90
CA GLU A 76 -5.10 -13.91 -12.65
C GLU A 76 -5.31 -13.20 -11.32
N THR A 77 -6.49 -13.28 -10.75
CA THR A 77 -6.72 -12.60 -9.48
C THR A 77 -6.43 -13.49 -8.26
N ALA A 78 -5.73 -14.61 -8.47
CA ALA A 78 -5.61 -15.63 -7.40
C ALA A 78 -5.07 -15.11 -6.07
N ALA A 79 -4.16 -14.13 -6.13
CA ALA A 79 -3.62 -13.49 -4.94
C ALA A 79 -4.64 -12.71 -4.11
N ASP A 80 -5.61 -12.12 -4.81
CA ASP A 80 -6.73 -11.43 -4.17
C ASP A 80 -7.80 -12.39 -3.65
N VAL A 81 -7.72 -13.67 -4.03
CA VAL A 81 -8.63 -14.67 -3.53
C VAL A 81 -7.97 -15.56 -2.47
N VAL A 82 -7.06 -16.43 -2.88
CA VAL A 82 -6.53 -17.45 -1.95
C VAL A 82 -5.50 -16.88 -0.96
N VAL A 83 -4.67 -15.97 -1.43
CA VAL A 83 -3.75 -15.32 -0.52
C VAL A 83 -4.53 -14.45 0.48
N LYS A 84 -5.54 -13.72 0.01
CA LYS A 84 -6.37 -12.91 0.92
C LYS A 84 -7.03 -13.79 2.00
N LEU A 85 -7.51 -14.95 1.61
CA LEU A 85 -8.17 -15.89 2.53
C LEU A 85 -7.17 -16.51 3.53
N ARG A 86 -5.99 -16.93 3.06
CA ARG A 86 -5.00 -17.48 3.95
C ARG A 86 -4.64 -16.45 5.03
N LEU A 87 -4.49 -15.19 4.63
CA LEU A 87 -4.09 -14.11 5.54
C LEU A 87 -5.24 -13.80 6.53
N MET A 88 -6.45 -13.59 6.02
CA MET A 88 -7.53 -13.09 6.86
C MET A 88 -7.99 -14.14 7.86
N TYR A 89 -7.95 -15.41 7.48
CA TYR A 89 -8.26 -16.48 8.43
C TYR A 89 -7.05 -17.18 9.07
N ASP A 90 -5.84 -16.70 8.77
CA ASP A 90 -4.63 -17.18 9.40
C ASP A 90 -4.50 -18.71 9.19
N LEU A 91 -4.66 -19.14 7.95
CA LEU A 91 -4.63 -20.52 7.57
C LEU A 91 -3.18 -20.81 7.40
N TYR A 92 -2.52 -21.05 8.51
CA TYR A 92 -1.08 -20.90 8.53
C TYR A 92 -0.33 -22.13 8.05
N ALA A 93 -0.96 -23.30 8.08
CA ALA A 93 -0.30 -24.55 7.64
C ALA A 93 -0.83 -25.00 6.28
N ASN A 94 0.04 -24.96 5.28
CA ASN A 94 -0.24 -25.46 3.94
C ASN A 94 0.38 -26.83 3.79
N LEU A 95 -0.47 -27.85 3.80
CA LEU A 95 -0.04 -29.25 3.77
C LEU A 95 -0.22 -29.77 2.35
N ARG A 96 0.89 -30.14 1.69
CA ARG A 96 0.88 -30.64 0.29
C ARG A 96 1.59 -32.01 0.19
N PRO A 97 0.80 -33.10 0.23
CA PRO A 97 1.40 -34.44 0.01
C PRO A 97 1.61 -34.68 -1.47
N ALA A 98 2.84 -35.03 -1.82
CA ALA A 98 3.16 -35.48 -3.17
C ALA A 98 3.32 -37.01 -3.13
N LYS A 99 2.32 -37.68 -3.66
CA LYS A 99 2.23 -39.11 -3.54
C LYS A 99 1.97 -39.74 -4.91
N SER A 100 2.82 -40.68 -5.31
CA SER A 100 2.60 -41.47 -6.52
C SER A 100 1.35 -42.31 -6.35
N LEU A 101 0.64 -42.46 -7.44
CA LEU A 101 -0.46 -43.41 -7.55
C LEU A 101 0.01 -44.59 -8.41
N PRO A 102 -0.60 -45.77 -8.25
CA PRO A 102 -0.15 -46.95 -9.01
C PRO A 102 -0.30 -46.83 -10.54
N GLY A 103 0.60 -47.48 -11.26
CA GLY A 103 0.48 -47.57 -12.69
C GLY A 103 0.67 -46.25 -13.40
N LEU A 104 1.48 -45.36 -12.84
CA LEU A 104 1.83 -44.13 -13.54
C LEU A 104 2.92 -44.44 -14.57
N ASN A 106 5.71 -43.64 -13.75
CA ASN A 106 6.87 -43.07 -13.04
C ASN A 106 6.70 -41.55 -12.91
N LYS A 107 7.71 -40.67 -13.08
CA LYS A 107 9.04 -40.89 -13.68
C LYS A 107 10.13 -41.36 -12.69
N PHE A 108 9.74 -41.61 -11.42
CA PHE A 108 10.68 -41.78 -10.32
C PHE A 108 10.29 -42.91 -9.38
N GLY A 109 9.38 -43.78 -9.80
CA GLY A 109 8.88 -44.85 -8.93
C GLY A 109 8.13 -44.36 -7.71
N ASP A 110 8.25 -45.14 -6.63
CA ASP A 110 7.59 -44.85 -5.36
C ASP A 110 8.02 -43.50 -4.80
N VAL A 111 7.04 -42.61 -4.65
CA VAL A 111 7.28 -41.26 -4.13
C VAL A 111 6.22 -40.94 -3.10
N ASP A 112 6.64 -40.46 -1.94
CA ASP A 112 5.73 -40.07 -0.88
C ASP A 112 6.37 -39.00 0.00
N ILE A 113 6.14 -37.75 -0.37
CA ILE A 113 6.78 -36.64 0.31
C ILE A 113 5.71 -35.67 0.76
N LEU A 114 5.79 -35.19 1.99
CA LEU A 114 4.91 -34.15 2.45
C LEU A 114 5.64 -32.83 2.58
N VAL A 115 5.21 -31.81 1.85
CA VAL A 115 5.74 -30.46 2.09
C VAL A 115 4.81 -29.73 3.07
N VAL A 116 5.38 -29.24 4.17
CA VAL A 116 4.64 -28.38 5.14
C VAL A 116 5.12 -26.94 4.95
N ARG A 117 4.29 -26.11 4.31
CA ARG A 117 4.63 -24.78 3.89
C ARG A 117 3.95 -23.74 4.76
N GLU A 118 4.76 -22.84 5.29
CA GLU A 118 4.31 -21.75 6.11
C GLU A 118 3.53 -20.87 5.17
N ASN A 119 2.37 -20.41 5.59
CA ASN A 119 1.41 -19.96 4.62
C ASN A 119 0.95 -18.54 4.81
N THR A 120 1.51 -17.80 5.78
CA THR A 120 1.00 -16.44 6.12
C THR A 120 2.02 -15.29 6.03
N GLU A 121 3.31 -15.59 6.05
CA GLU A 121 4.26 -14.50 5.98
C GLU A 121 5.23 -14.63 4.81
N ASP A 122 6.53 -14.43 5.05
CA ASP A 122 7.51 -14.37 3.96
C ASP A 122 7.22 -13.14 3.07
N LEU A 123 7.14 -13.27 1.76
CA LEU A 123 6.85 -12.13 0.89
C LEU A 123 5.35 -12.06 0.49
N TYR A 124 4.50 -12.89 1.11
CA TYR A 124 3.12 -13.05 0.64
C TYR A 124 2.14 -11.99 1.11
N LYS A 125 2.52 -11.10 2.02
CA LYS A 125 1.59 -10.06 2.47
C LYS A 125 1.56 -8.80 1.64
N GLY A 126 2.26 -8.79 0.53
CA GLY A 126 2.13 -7.67 -0.41
C GLY A 126 2.62 -6.35 0.14
N LEU A 127 3.74 -6.33 0.83
CA LEU A 127 4.27 -5.09 1.34
C LEU A 127 5.31 -4.57 0.35
N GLU A 128 4.83 -4.06 -0.77
CA GLU A 128 5.70 -3.73 -1.91
C GLU A 128 5.42 -2.34 -2.32
N HIS A 129 6.47 -1.62 -2.74
CA HIS A 129 6.32 -0.23 -3.15
C HIS A 129 7.29 0.22 -4.20
N VAL A 130 6.87 1.17 -5.02
CA VAL A 130 7.77 1.91 -5.88
C VAL A 130 8.38 3.01 -5.01
N ILE A 131 9.70 2.96 -4.82
CA ILE A 131 10.43 3.88 -3.93
C ILE A 131 10.76 5.17 -4.65
N SER A 132 10.93 5.05 -5.95
CA SER A 132 11.56 6.06 -6.75
C SER A 132 11.52 5.58 -8.20
N ASP A 133 11.80 6.45 -9.14
CA ASP A 133 11.69 6.07 -10.54
C ASP A 133 12.56 4.84 -10.82
N GLY A 134 11.91 3.75 -11.20
CA GLY A 134 12.57 2.50 -11.54
C GLY A 134 13.17 1.70 -10.38
N VAL A 135 12.68 1.96 -9.16
CA VAL A 135 13.20 1.29 -7.97
C VAL A 135 12.08 0.81 -7.05
N THR A 136 12.09 -0.50 -6.79
CA THR A 136 11.03 -1.12 -6.07
C THR A 136 11.59 -1.97 -4.98
N VAL A 137 10.73 -2.18 -3.99
CA VAL A 137 11.14 -2.77 -2.71
C VAL A 137 10.00 -3.65 -2.24
N GLY A 138 10.33 -4.75 -1.58
CA GLY A 138 9.34 -5.58 -0.91
C GLY A 138 9.88 -5.94 0.46
N ILE A 139 9.00 -6.08 1.43
CA ILE A 139 9.40 -6.46 2.79
C ILE A 139 9.09 -7.90 3.05
N LYS A 140 10.11 -8.69 3.30
CA LYS A 140 9.97 -10.08 3.69
C LYS A 140 9.86 -10.10 5.19
N VAL A 141 8.91 -10.85 5.72
CA VAL A 141 8.65 -10.90 7.15
C VAL A 141 8.80 -12.32 7.64
N ILE A 142 9.71 -12.55 8.58
CA ILE A 142 9.74 -13.83 9.29
C ILE A 142 9.64 -13.56 10.79
N THR A 143 8.76 -14.30 11.46
CA THR A 143 8.47 -14.12 12.88
C THR A 143 8.69 -15.45 13.57
N ARG A 144 9.11 -15.40 14.83
CA ARG A 144 9.27 -16.60 15.65
C ARG A 144 7.94 -17.30 15.86
N ALA A 145 6.88 -16.53 16.09
CA ALA A 145 5.58 -17.09 16.38
C ALA A 145 5.14 -18.02 15.24
N ALA A 146 5.19 -17.46 14.04
CA ALA A 146 4.78 -18.15 12.82
C ALA A 146 5.70 -19.31 12.48
N SER A 147 6.99 -19.12 12.69
CA SER A 147 7.94 -20.21 12.46
C SER A 147 7.75 -21.37 13.44
N THR A 148 7.58 -21.04 14.72
CA THR A 148 7.31 -22.06 15.72
C THR A 148 6.03 -22.86 15.40
N ARG A 149 4.90 -22.20 15.12
CA ARG A 149 3.67 -22.94 14.88
C ARG A 149 3.74 -23.86 13.63
N ILE A 150 4.41 -23.43 12.55
CA ILE A 150 4.49 -24.29 11.38
C ILE A 150 5.38 -25.50 11.68
N ALA A 151 6.44 -25.29 12.44
CA ALA A 151 7.33 -26.38 12.83
C ALA A 151 6.61 -27.42 13.70
N GLN A 152 5.71 -26.96 14.57
CA GLN A 152 4.76 -27.83 15.33
C GLN A 152 3.84 -28.68 14.46
N VAL A 153 3.34 -28.09 13.38
CA VAL A 153 2.53 -28.85 12.45
C VAL A 153 3.36 -29.92 11.75
N ALA A 154 4.59 -29.56 11.36
CA ALA A 154 5.53 -30.49 10.74
C ALA A 154 5.91 -31.66 11.66
N LEU A 155 6.11 -31.36 12.94
CA LEU A 155 6.30 -32.42 13.94
C LEU A 155 5.11 -33.40 13.98
N ASN A 156 3.89 -32.86 14.07
CA ASN A 156 2.72 -33.71 14.19
C ASN A 156 2.56 -34.61 12.97
N GLN A 157 2.79 -34.06 11.78
CA GLN A 157 2.66 -34.81 10.56
C GLN A 157 3.71 -35.89 10.45
N ALA A 158 4.94 -35.55 10.84
CA ALA A 158 6.05 -36.49 10.69
C ALA A 158 5.95 -37.65 11.68
N LEU A 159 5.35 -37.38 12.83
CA LEU A 159 5.06 -38.46 13.81
C LEU A 159 4.19 -39.54 13.21
N ARG A 160 3.24 -39.14 12.36
CA ARG A 160 2.38 -40.07 11.63
C ARG A 160 3.03 -40.74 10.40
N ARG A 161 4.22 -40.30 10.01
CA ARG A 161 4.91 -40.89 8.87
C ARG A 161 6.22 -41.57 9.33
N LYS A 162 7.37 -41.19 8.80
CA LYS A 162 8.64 -41.84 9.13
C LYS A 162 9.49 -41.11 10.17
N LYS A 163 8.91 -40.14 10.87
CA LYS A 163 9.61 -39.42 11.94
C LYS A 163 10.90 -38.75 11.47
N LYS A 164 10.85 -38.20 10.27
CA LYS A 164 12.01 -37.54 9.69
C LYS A 164 11.61 -36.23 9.07
N VAL A 165 12.32 -35.17 9.43
CA VAL A 165 12.04 -33.84 8.91
C VAL A 165 13.31 -33.14 8.47
N VAL A 166 13.22 -32.54 7.28
CA VAL A 166 14.22 -31.59 6.80
C VAL A 166 13.62 -30.17 6.73
N CYS A 167 14.27 -29.24 7.42
CA CYS A 167 13.96 -27.82 7.36
C CYS A 167 14.78 -27.18 6.24
N VAL A 168 14.08 -26.55 5.29
CA VAL A 168 14.69 -25.99 4.08
C VAL A 168 14.61 -24.46 4.09
N HIS A 169 15.73 -23.79 3.89
CA HIS A 169 15.83 -22.32 4.04
C HIS A 169 17.06 -21.83 3.30
N LYS A 170 17.43 -20.55 3.44
CA LYS A 170 18.66 -20.03 2.84
C LYS A 170 19.39 -19.10 3.83
N SER A 171 19.73 -19.63 4.99
CA SER A 171 20.21 -18.81 6.09
C SER A 171 21.68 -18.47 5.95
N ASN A 172 22.39 -19.15 5.04
CA ASN A 172 23.72 -18.71 4.63
C ASN A 172 23.73 -17.31 3.98
N VAL A 173 22.68 -16.96 3.27
CA VAL A 173 22.58 -15.63 2.62
C VAL A 173 21.63 -14.73 3.41
N MET A 174 20.55 -15.30 3.90
CA MET A 174 19.56 -14.54 4.63
C MET A 174 19.70 -14.84 6.09
N ARG A 175 20.76 -14.29 6.66
CA ARG A 175 21.25 -14.68 8.00
C ARG A 175 20.21 -14.43 9.09
N ILE A 176 19.45 -13.36 8.98
CA ILE A 176 18.56 -12.96 10.06
C ILE A 176 17.14 -13.53 9.91
N THR A 177 16.55 -13.39 8.73
CA THR A 177 15.17 -13.86 8.48
C THR A 177 15.15 -15.40 8.43
N ASP A 178 15.87 -15.98 7.49
CA ASP A 178 15.92 -17.43 7.40
C ASP A 178 16.61 -18.02 8.65
N GLY A 179 17.56 -17.28 9.22
CA GLY A 179 18.19 -17.72 10.46
C GLY A 179 17.21 -17.90 11.59
N LEU A 180 16.30 -16.95 11.72
CA LEU A 180 15.26 -17.08 12.74
C LEU A 180 14.32 -18.24 12.42
N PHE A 181 14.02 -18.44 11.15
CA PHE A 181 13.16 -19.54 10.76
C PHE A 181 13.76 -20.90 11.17
N ALA A 182 14.99 -21.14 10.75
CA ALA A 182 15.72 -22.37 11.04
C ALA A 182 15.83 -22.64 12.57
N GLU A 183 16.18 -21.60 13.31
CA GLU A 183 16.32 -21.65 14.76
C GLU A 183 15.02 -22.06 15.43
N SER A 184 13.91 -21.41 15.06
CA SER A 184 12.59 -21.83 15.53
C SER A 184 12.28 -23.29 15.15
N CYS A 185 12.57 -23.67 13.91
CA CYS A 185 12.31 -25.05 13.52
C CYS A 185 13.15 -26.03 14.33
N ARG A 186 14.43 -25.71 14.47
CA ARG A 186 15.35 -26.51 15.26
C ARG A 186 14.81 -26.68 16.69
N ASN A 187 14.34 -25.60 17.29
CA ASN A 187 13.89 -25.65 18.68
C ASN A 187 12.67 -26.56 18.93
N VAL A 188 11.75 -26.63 17.98
CA VAL A 188 10.56 -27.53 18.08
C VAL A 188 10.91 -28.98 17.68
N LEU A 189 11.71 -29.14 16.63
CA LEU A 189 11.87 -30.45 15.99
C LEU A 189 13.04 -31.29 16.49
N LYS A 190 14.18 -30.68 16.75
CA LYS A 190 15.39 -31.47 16.99
C LYS A 190 15.24 -32.24 18.31
N GLY A 191 15.44 -33.55 18.27
CA GLY A 191 15.29 -34.39 19.45
C GLY A 191 13.95 -35.07 19.58
N LYS A 192 12.98 -34.65 18.78
CA LYS A 192 11.65 -35.27 18.75
C LYS A 192 11.46 -36.11 17.51
N VAL A 193 12.12 -35.73 16.42
CA VAL A 193 12.16 -36.53 15.18
C VAL A 193 13.59 -36.49 14.67
N GLU A 194 13.94 -37.39 13.75
CA GLU A 194 15.19 -37.28 13.04
C GLU A 194 15.13 -35.93 12.28
N TYR A 195 16.07 -35.03 12.56
CA TYR A 195 16.01 -33.66 12.06
C TYR A 195 17.26 -33.33 11.26
N SER A 196 17.07 -32.55 10.20
CA SER A 196 18.22 -31.99 9.44
C SER A 196 17.80 -30.68 8.78
N GLU A 197 18.76 -30.05 8.12
CA GLU A 197 18.53 -28.77 7.46
C GLU A 197 19.22 -28.82 6.12
N MET A 198 18.64 -28.14 5.15
CA MET A 198 19.14 -28.18 3.78
C MET A 198 18.82 -26.83 3.17
N TYR A 199 19.78 -26.26 2.46
CA TYR A 199 19.52 -25.07 1.66
C TYR A 199 18.57 -25.33 0.50
N VAL A 200 17.71 -24.36 0.23
CA VAL A 200 16.64 -24.52 -0.77
C VAL A 200 17.14 -24.89 -2.17
N ASP A 201 18.28 -24.35 -2.58
CA ASP A 201 18.86 -24.75 -3.84
C ASP A 201 19.27 -26.23 -3.85
N ALA A 202 19.87 -26.70 -2.76
CA ALA A 202 20.28 -28.10 -2.70
C ALA A 202 19.07 -29.02 -2.53
N ALA A 203 18.03 -28.55 -1.84
CA ALA A 203 16.77 -29.27 -1.82
C ALA A 203 16.19 -29.48 -3.21
N ALA A 204 16.16 -28.43 -4.03
CA ALA A 204 15.70 -28.55 -5.42
C ALA A 204 16.47 -29.61 -6.21
N ALA A 205 17.79 -29.62 -6.10
CA ALA A 205 18.56 -30.66 -6.75
C ALA A 205 18.32 -32.06 -6.14
N ASN A 206 18.27 -32.16 -4.81
CA ASN A 206 18.14 -33.45 -4.14
C ASN A 206 16.78 -34.10 -4.38
N LEU A 207 15.73 -33.29 -4.50
CA LEU A 207 14.42 -33.80 -4.90
C LEU A 207 14.53 -34.59 -6.18
N VAL A 208 15.25 -34.05 -7.16
CA VAL A 208 15.47 -34.73 -8.42
C VAL A 208 16.38 -35.93 -8.27
N ARG A 209 17.48 -35.77 -7.53
CA ARG A 209 18.49 -36.84 -7.42
C ARG A 209 17.94 -38.04 -6.66
N ASN A 210 17.23 -37.80 -5.56
CA ASN A 210 16.70 -38.88 -4.75
C ASN A 210 15.48 -38.47 -3.95
N PRO A 211 14.33 -38.44 -4.60
CA PRO A 211 13.11 -38.09 -3.86
C PRO A 211 12.74 -39.08 -2.74
N GLN A 212 13.14 -40.35 -2.85
CA GLN A 212 12.83 -41.30 -1.76
C GLN A 212 13.63 -41.06 -0.49
N ALA A 213 14.59 -40.12 -0.51
CA ALA A 213 15.30 -39.75 0.71
C ALA A 213 14.52 -38.75 1.61
N PHE A 214 13.35 -38.30 1.17
CA PHE A 214 12.61 -37.24 1.86
C PHE A 214 11.31 -37.78 2.45
N ASP A 215 11.02 -37.45 3.72
CA ASP A 215 9.74 -37.76 4.39
C ASP A 215 8.91 -36.47 4.48
N VAL A 216 9.28 -35.59 5.40
CA VAL A 216 8.60 -34.32 5.60
C VAL A 216 9.57 -33.19 5.34
N ILE A 217 9.10 -32.18 4.59
CA ILE A 217 9.84 -30.94 4.33
C ILE A 217 9.06 -29.81 4.99
N VAL A 218 9.74 -29.05 5.84
CA VAL A 218 9.14 -27.86 6.41
C VAL A 218 9.92 -26.65 5.90
N THR A 219 9.20 -25.65 5.41
CA THR A 219 9.85 -24.50 4.82
C THR A 219 8.94 -23.28 4.77
N GLU A 220 9.49 -22.17 4.27
CA GLU A 220 8.81 -20.87 4.21
C GLU A 220 7.86 -20.79 3.04
N ASN A 221 7.14 -19.68 2.93
CA ASN A 221 6.06 -19.54 1.95
C ASN A 221 6.51 -19.72 0.49
N THR A 222 7.48 -18.92 0.04
CA THR A 222 7.89 -18.94 -1.37
C THR A 222 8.65 -20.21 -1.68
N TYR A 223 9.54 -20.63 -0.78
CA TYR A 223 10.28 -21.87 -1.01
C TYR A 223 9.33 -23.06 -1.10
N GLY A 224 8.28 -23.05 -0.28
CA GLY A 224 7.31 -24.12 -0.29
C GLY A 224 6.46 -24.14 -1.55
N ASP A 225 6.13 -22.95 -2.03
CA ASP A 225 5.46 -22.80 -3.30
C ASP A 225 6.24 -23.53 -4.39
N ILE A 226 7.54 -23.33 -4.41
CA ILE A 226 8.40 -23.85 -5.47
C ILE A 226 8.64 -25.33 -5.28
N LEU A 227 9.03 -25.75 -4.09
CA LEU A 227 9.31 -27.13 -3.85
C LEU A 227 8.09 -28.02 -3.97
N SER A 228 6.92 -27.53 -3.58
CA SER A 228 5.72 -28.36 -3.70
C SER A 228 5.30 -28.62 -5.17
N ASP A 229 5.52 -27.66 -6.06
CA ASP A 229 5.30 -27.88 -7.48
C ASP A 229 6.29 -28.92 -8.03
N GLU A 230 7.57 -28.76 -7.72
CA GLU A 230 8.58 -29.74 -8.13
C GLU A 230 8.26 -31.12 -7.59
N ALA A 231 7.94 -31.21 -6.30
CA ALA A 231 7.66 -32.50 -5.69
C ALA A 231 6.42 -33.14 -6.28
N GLY A 232 5.42 -32.31 -6.53
CA GLY A 232 4.20 -32.75 -7.18
C GLY A 232 4.43 -33.35 -8.55
N GLN A 233 5.27 -32.72 -9.37
CA GLN A 233 5.57 -33.24 -10.71
C GLN A 233 6.36 -34.54 -10.60
N ILE A 234 7.35 -34.55 -9.74
CA ILE A 234 8.09 -35.76 -9.47
C ILE A 234 7.19 -36.92 -9.11
N ALA A 235 6.19 -36.71 -8.25
CA ALA A 235 5.25 -37.77 -7.89
C ALA A 235 4.44 -38.22 -9.11
N GLY A 236 4.27 -37.34 -10.08
CA GLY A 236 3.78 -37.76 -11.37
C GLY A 236 3.00 -36.73 -12.14
N SER A 237 2.30 -35.85 -11.45
CA SER A 237 1.55 -34.80 -12.09
C SER A 237 0.97 -33.84 -11.05
N LEU A 238 1.06 -32.56 -11.36
CA LEU A 238 0.34 -31.54 -10.62
C LEU A 238 -1.17 -31.81 -10.63
N GLY A 239 -1.64 -32.56 -11.64
CA GLY A 239 -3.05 -33.00 -11.70
C GLY A 239 -3.48 -33.98 -10.61
N ILE A 240 -2.53 -34.49 -9.82
CA ILE A 240 -2.89 -35.38 -8.75
C ILE A 240 -2.55 -34.78 -7.36
N SER A 241 -2.13 -33.51 -7.32
CA SER A 241 -1.57 -32.93 -6.09
C SER A 241 -2.59 -32.09 -5.32
N PRO A 242 -3.08 -32.60 -4.17
CA PRO A 242 -4.01 -31.88 -3.35
C PRO A 242 -3.32 -31.01 -2.28
N SER A 243 -4.14 -30.25 -1.56
CA SER A 243 -3.65 -29.29 -0.58
C SER A 243 -4.67 -29.11 0.54
N ALA A 244 -4.19 -28.91 1.76
CA ALA A 244 -4.97 -28.42 2.86
C ALA A 244 -4.33 -27.14 3.46
N ASN A 245 -5.11 -26.09 3.61
CA ASN A 245 -4.68 -24.85 4.28
C ASN A 245 -5.42 -24.80 5.63
N ILE A 246 -4.71 -25.05 6.72
CA ILE A 246 -5.36 -25.28 8.01
C ILE A 246 -4.92 -24.19 8.99
N GLY A 247 -5.91 -23.56 9.61
CA GLY A 247 -5.68 -22.61 10.68
C GLY A 247 -6.41 -23.06 11.94
N ASP A 248 -6.51 -22.18 12.92
CA ASP A 248 -7.14 -22.56 14.19
C ASP A 248 -8.66 -22.65 14.13
N ARG A 249 -9.29 -21.76 13.38
CA ARG A 249 -10.76 -21.66 13.33
C ARG A 249 -11.42 -22.17 12.02
N LYS A 250 -10.67 -22.14 10.92
CA LYS A 250 -11.23 -22.43 9.62
C LYS A 250 -10.20 -23.26 8.85
N SER A 251 -10.62 -23.84 7.73
CA SER A 251 -9.70 -24.48 6.80
C SER A 251 -10.18 -24.40 5.34
N LEU A 252 -9.23 -24.56 4.44
CA LEU A 252 -9.44 -24.40 3.02
C LEU A 252 -8.74 -25.53 2.26
N PHE A 253 -9.46 -26.19 1.35
CA PHE A 253 -8.95 -27.35 0.63
C PHE A 253 -8.97 -27.09 -0.87
N GLU A 254 -7.88 -27.41 -1.55
CA GLU A 254 -7.71 -27.05 -2.96
C GLU A 254 -6.56 -27.79 -3.64
N PRO A 255 -6.63 -27.94 -4.97
CA PRO A 255 -5.49 -28.46 -5.74
C PRO A 255 -4.28 -27.53 -5.69
N VAL A 256 -3.08 -28.08 -5.86
CA VAL A 256 -1.88 -27.28 -5.99
C VAL A 256 -1.85 -26.58 -7.35
N HIS A 257 -2.38 -27.21 -8.38
CA HIS A 257 -2.30 -26.68 -9.73
C HIS A 257 -3.13 -25.43 -9.97
N GLY A 258 -2.79 -24.76 -11.07
CA GLY A 258 -3.44 -23.52 -11.49
C GLY A 258 -4.65 -23.68 -12.38
N ALA A 259 -5.02 -22.58 -13.03
CA ALA A 259 -6.26 -22.49 -13.82
C ALA A 259 -6.17 -23.24 -15.14
N ALA A 260 -4.95 -23.42 -15.65
CA ALA A 260 -4.76 -24.18 -16.88
C ALA A 260 -5.64 -23.69 -18.04
N PHE A 261 -5.66 -22.38 -18.25
CA PHE A 261 -6.53 -21.77 -19.26
C PHE A 261 -6.40 -22.39 -20.64
N ASP A 262 -5.24 -22.93 -20.97
CA ASP A 262 -5.06 -23.45 -22.32
C ASP A 262 -5.76 -24.79 -22.55
N ILE A 263 -6.19 -25.49 -21.48
CA ILE A 263 -7.00 -26.69 -21.67
C ILE A 263 -8.42 -26.55 -21.17
N ALA A 264 -8.77 -25.34 -20.70
CA ALA A 264 -10.12 -25.09 -20.20
C ALA A 264 -11.14 -25.29 -21.31
N GLY A 265 -12.21 -26.00 -20.96
CA GLY A 265 -13.32 -26.24 -21.85
C GLY A 265 -13.15 -27.44 -22.74
N LYS A 266 -12.07 -28.21 -22.54
CA LYS A 266 -11.76 -29.29 -23.48
C LYS A 266 -11.95 -30.69 -22.91
N ASN A 267 -12.52 -30.78 -21.71
CA ASN A 267 -12.88 -32.05 -21.10
C ASN A 267 -11.71 -33.04 -20.96
N ILE A 268 -10.51 -32.53 -20.69
CA ILE A 268 -9.34 -33.40 -20.40
C ILE A 268 -8.60 -33.11 -19.09
N ALA A 269 -9.06 -32.12 -18.33
CA ALA A 269 -8.51 -31.82 -17.04
C ALA A 269 -8.66 -33.01 -16.08
N ASN A 270 -7.61 -33.28 -15.33
CA ASN A 270 -7.59 -34.32 -14.33
C ASN A 270 -8.33 -33.83 -13.08
N PRO A 271 -9.41 -34.51 -12.66
CA PRO A 271 -10.08 -34.09 -11.44
C PRO A 271 -9.47 -34.62 -10.14
N THR A 272 -8.38 -35.39 -10.24
CA THR A 272 -7.84 -36.16 -9.11
C THR A 272 -7.34 -35.24 -7.98
N ALA A 273 -6.66 -34.13 -8.33
CA ALA A 273 -6.13 -33.20 -7.34
C ALA A 273 -7.26 -32.62 -6.49
N PHE A 274 -8.32 -32.17 -7.16
CA PHE A 274 -9.49 -31.70 -6.45
C PHE A 274 -10.13 -32.80 -5.56
N LEU A 275 -10.37 -33.98 -6.12
CA LEU A 275 -10.99 -35.06 -5.36
C LEU A 275 -10.13 -35.51 -4.15
N LEU A 276 -8.83 -35.58 -4.34
CA LEU A 276 -7.93 -35.83 -3.21
C LEU A 276 -7.97 -34.72 -2.16
N SER A 277 -8.24 -33.48 -2.57
CA SER A 277 -8.41 -32.36 -1.63
CA SER A 277 -8.38 -32.38 -1.62
C SER A 277 -9.67 -32.56 -0.83
N VAL A 278 -10.71 -33.08 -1.48
CA VAL A 278 -11.96 -33.46 -0.78
C VAL A 278 -11.67 -34.55 0.26
N GLY A 279 -10.75 -35.46 -0.06
CA GLY A 279 -10.32 -36.51 0.85
C GLY A 279 -9.68 -35.96 2.10
N MET A 280 -8.84 -34.94 1.93
CA MET A 280 -8.25 -34.27 3.08
C MET A 280 -9.30 -33.51 3.85
N MET A 281 -10.30 -32.96 3.17
CA MET A 281 -11.38 -32.25 3.88
C MET A 281 -12.16 -33.16 4.82
N LEU A 282 -12.48 -34.36 4.32
CA LEU A 282 -13.25 -35.35 5.05
C LEU A 282 -12.49 -35.89 6.25
N ASP A 283 -11.21 -36.22 6.07
CA ASP A 283 -10.29 -36.54 7.19
C ASP A 283 -10.42 -35.55 8.33
N ARG A 284 -10.37 -34.27 8.01
CA ARG A 284 -10.46 -33.24 9.03
C ARG A 284 -11.86 -33.19 9.64
N MET A 285 -12.89 -33.44 8.83
CA MET A 285 -14.25 -33.49 9.37
C MET A 285 -14.38 -34.60 10.39
N GLN A 286 -13.78 -35.75 10.11
CA GLN A 286 -13.70 -36.83 11.09
C GLN A 286 -13.05 -36.37 12.39
N GLU A 287 -11.87 -35.73 12.29
CA GLU A 287 -11.10 -35.38 13.47
C GLU A 287 -11.73 -34.27 14.27
N LEU A 288 -12.54 -33.43 13.63
CA LEU A 288 -13.31 -32.40 14.34
C LEU A 288 -14.62 -32.95 14.95
N SER A 289 -15.36 -33.77 14.21
CA SER A 289 -16.66 -34.30 14.64
C SER A 289 -16.59 -35.54 15.53
N GLY A 290 -15.53 -36.32 15.43
CA GLY A 290 -15.52 -37.66 16.03
C GLY A 290 -16.50 -38.65 15.39
N ASP A 291 -16.98 -38.38 14.17
CA ASP A 291 -17.90 -39.28 13.47
C ASP A 291 -17.17 -40.11 12.40
N ILE A 292 -17.19 -41.43 12.53
CA ILE A 292 -16.51 -42.36 11.58
C ILE A 292 -17.07 -42.30 10.12
N ARG A 293 -18.28 -41.80 9.93
CA ARG A 293 -18.84 -41.77 8.59
C ARG A 293 -17.97 -41.01 7.62
N TYR A 294 -17.36 -39.90 8.07
CA TYR A 294 -16.47 -39.12 7.19
C TYR A 294 -15.21 -39.87 6.80
N ASN A 295 -14.71 -40.68 7.73
CA ASN A 295 -13.60 -41.60 7.47
C ASN A 295 -13.98 -42.68 6.48
N ASN A 296 -15.19 -43.23 6.63
CA ASN A 296 -15.67 -44.22 5.65
C ASN A 296 -15.79 -43.58 4.26
N ALA A 297 -16.37 -42.38 4.18
CA ALA A 297 -16.47 -41.68 2.89
C ALA A 297 -15.07 -41.37 2.31
N ALA A 298 -14.14 -40.95 3.16
CA ALA A 298 -12.77 -40.68 2.72
C ALA A 298 -12.09 -41.92 2.14
N LYS A 299 -12.25 -43.07 2.81
CA LYS A 299 -11.66 -44.34 2.34
C LYS A 299 -12.30 -44.83 1.04
N SER A 300 -13.61 -44.75 0.97
CA SER A 300 -14.31 -45.07 -0.27
C SER A 300 -13.78 -44.23 -1.41
N LEU A 301 -13.61 -42.94 -1.16
CA LEU A 301 -13.14 -42.02 -2.22
C LEU A 301 -11.75 -42.40 -2.69
N ARG A 302 -10.82 -42.53 -1.74
CA ARG A 302 -9.44 -42.83 -2.07
C ARG A 302 -9.25 -44.22 -2.68
N ASP A 303 -9.92 -45.23 -2.12
CA ASP A 303 -9.89 -46.58 -2.70
C ASP A 303 -10.36 -46.52 -4.14
N ALA A 304 -11.43 -45.76 -4.39
CA ALA A 304 -11.99 -45.63 -5.73
C ALA A 304 -10.97 -45.04 -6.71
N ILE A 305 -10.32 -43.96 -6.30
CA ILE A 305 -9.35 -43.32 -7.16
C ILE A 305 -8.17 -44.25 -7.36
N TYR A 306 -7.75 -44.92 -6.28
CA TYR A 306 -6.58 -45.78 -6.38
C TYR A 306 -6.89 -46.95 -7.35
N SER A 307 -8.09 -47.53 -7.27
CA SER A 307 -8.51 -48.56 -8.22
C SER A 307 -8.49 -48.10 -9.66
N VAL A 308 -8.99 -46.88 -9.89
CA VAL A 308 -9.04 -46.37 -11.26
C VAL A 308 -7.64 -46.26 -11.82
N TYR A 309 -6.73 -45.75 -11.01
CA TYR A 309 -5.34 -45.66 -11.44
C TYR A 309 -4.70 -47.04 -11.60
N SER A 310 -4.98 -47.92 -10.66
CA SER A 310 -4.41 -49.25 -10.74
C SER A 310 -4.90 -49.97 -12.02
N GLU A 311 -6.20 -49.89 -12.33
CA GLU A 311 -6.74 -50.49 -13.56
C GLU A 311 -6.23 -49.81 -14.83
N GLY A 312 -6.19 -48.49 -14.85
CA GLY A 312 -5.50 -47.75 -15.89
C GLY A 312 -6.19 -47.64 -17.25
N LYS A 313 -7.52 -47.75 -17.30
CA LYS A 313 -8.26 -47.49 -18.57
C LYS A 313 -8.80 -46.07 -18.66
N TYR A 314 -9.16 -45.44 -17.53
CA TYR A 314 -9.78 -44.12 -17.57
C TYR A 314 -8.91 -43.09 -16.85
N LEU A 315 -7.78 -42.77 -17.48
CA LEU A 315 -6.87 -41.75 -16.98
C LEU A 315 -6.75 -40.59 -17.98
N THR A 316 -6.64 -39.36 -17.47
CA THR A 316 -6.48 -38.21 -18.35
C THR A 316 -5.07 -38.19 -18.96
N PRO A 317 -4.84 -37.39 -20.02
CA PRO A 317 -3.53 -37.31 -20.70
C PRO A 317 -2.34 -36.92 -19.81
N ASP A 318 -2.56 -36.04 -18.84
CA ASP A 318 -1.48 -35.61 -17.93
C ASP A 318 -0.91 -36.76 -17.08
N VAL A 319 -1.69 -37.83 -16.87
CA VAL A 319 -1.20 -39.00 -16.12
C VAL A 319 -1.05 -40.20 -17.06
N GLY A 320 -0.77 -39.96 -18.33
CA GLY A 320 -0.41 -41.02 -19.25
C GLY A 320 -1.54 -41.77 -19.94
N GLY A 321 -2.78 -41.32 -19.77
CA GLY A 321 -3.93 -41.98 -20.37
C GLY A 321 -4.46 -41.26 -21.61
N SER A 322 -5.68 -41.58 -22.01
CA SER A 322 -6.31 -40.90 -23.13
C SER A 322 -7.81 -40.67 -22.94
N SER A 323 -8.27 -40.67 -21.69
CA SER A 323 -9.68 -40.50 -21.41
C SER A 323 -10.00 -39.05 -21.06
N THR A 324 -11.29 -38.77 -21.02
CA THR A 324 -11.77 -37.44 -20.63
C THR A 324 -12.00 -37.31 -19.11
N THR A 325 -12.13 -36.07 -18.68
CA THR A 325 -12.53 -35.76 -17.32
C THR A 325 -13.83 -36.50 -16.94
N ASP A 326 -14.84 -36.44 -17.83
CA ASP A 326 -16.11 -37.18 -17.66
C ASP A 326 -15.92 -38.69 -17.41
N GLU A 327 -15.17 -39.33 -18.31
CA GLU A 327 -14.85 -40.76 -18.19
C GLU A 327 -14.18 -41.10 -16.85
N MET A 328 -13.23 -40.26 -16.43
CA MET A 328 -12.57 -40.45 -15.16
C MET A 328 -13.56 -40.34 -13.98
N ILE A 329 -14.43 -39.35 -14.04
CA ILE A 329 -15.39 -39.10 -12.98
C ILE A 329 -16.40 -40.24 -12.86
N SER A 330 -16.87 -40.74 -13.99
CA SER A 330 -17.80 -41.87 -13.98
C SER A 330 -17.15 -43.14 -13.45
N ALA A 331 -15.92 -43.41 -13.87
CA ALA A 331 -15.16 -44.54 -13.32
C ALA A 331 -15.00 -44.50 -11.82
N ILE A 332 -14.62 -43.33 -11.29
CA ILE A 332 -14.45 -43.18 -9.85
C ILE A 332 -15.82 -43.33 -9.19
N ARG A 333 -16.81 -42.64 -9.73
CA ARG A 333 -18.14 -42.63 -9.14
C ARG A 333 -18.66 -44.08 -9.00
N SER A 334 -18.54 -44.89 -10.06
CA SER A 334 -19.10 -46.25 -10.00
C SER A 334 -18.40 -47.15 -9.00
N LYS A 335 -17.14 -46.84 -8.64
CA LYS A 335 -16.43 -47.61 -7.63
C LYS A 335 -16.82 -47.25 -6.22
N ILE A 336 -17.30 -46.02 -6.02
CA ILE A 336 -17.92 -45.62 -4.76
C ILE A 336 -19.29 -46.29 -4.72
N GLY A 337 -19.75 -46.78 -3.57
CA GLY A 337 -18.99 -46.86 -2.32
C GLY A 337 -19.76 -47.54 -1.19
N GLY B 2 -0.87 32.01 -21.49
CA GLY B 2 -2.06 32.01 -20.61
C GLY B 2 -1.96 30.92 -19.57
N PHE B 3 -2.74 31.06 -18.51
CA PHE B 3 -2.80 30.04 -17.47
C PHE B 3 -4.25 29.75 -17.11
N VAL B 4 -4.47 28.52 -16.69
CA VAL B 4 -5.73 28.06 -16.09
C VAL B 4 -5.42 27.71 -14.62
N VAL B 5 -6.23 28.22 -13.71
CA VAL B 5 -6.03 28.00 -12.30
C VAL B 5 -7.28 27.32 -11.74
N ALA B 6 -7.14 26.10 -11.23
CA ALA B 6 -8.16 25.48 -10.37
C ALA B 6 -8.24 26.22 -9.03
N LEU B 7 -9.37 26.83 -8.76
CA LEU B 7 -9.57 27.62 -7.56
C LEU B 7 -10.45 26.85 -6.60
N ILE B 8 -9.84 26.39 -5.50
CA ILE B 8 -10.50 25.55 -4.51
C ILE B 8 -10.86 26.37 -3.27
N GLN B 9 -12.13 26.38 -2.94
CA GLN B 9 -12.61 27.21 -1.86
C GLN B 9 -12.42 26.53 -0.52
N GLY B 10 -12.57 25.21 -0.47
CA GLY B 10 -12.25 24.45 0.73
C GLY B 10 -13.32 24.51 1.80
N ASP B 11 -12.90 24.49 3.07
CA ASP B 11 -13.83 24.41 4.20
C ASP B 11 -13.63 25.54 5.21
N GLY B 12 -14.60 25.67 6.11
CA GLY B 12 -14.50 26.64 7.19
C GLY B 12 -14.50 28.04 6.63
N ILE B 13 -13.47 28.82 6.95
CA ILE B 13 -13.34 30.17 6.40
C ILE B 13 -12.87 30.15 4.94
N GLY B 14 -12.44 28.98 4.46
CA GLY B 14 -11.98 28.88 3.08
C GLY B 14 -12.88 29.54 2.05
N PRO B 15 -14.18 29.15 2.03
CA PRO B 15 -15.09 29.72 1.03
C PRO B 15 -15.26 31.22 1.12
N GLU B 16 -15.38 31.80 2.31
CA GLU B 16 -15.53 33.26 2.38
C GLU B 16 -14.28 34.02 1.95
N VAL B 17 -13.12 33.54 2.37
CA VAL B 17 -11.90 34.18 1.99
C VAL B 17 -11.68 34.08 0.48
N VAL B 18 -11.84 32.89 -0.09
CA VAL B 18 -11.54 32.73 -1.49
C VAL B 18 -12.50 33.57 -2.34
N SER B 19 -13.80 33.49 -2.04
CA SER B 19 -14.80 34.08 -2.90
C SER B 19 -14.79 35.62 -2.77
N LYS B 20 -14.53 36.14 -1.58
CA LYS B 20 -14.39 37.59 -1.39
C LYS B 20 -13.11 38.16 -2.00
N SER B 21 -12.09 37.32 -2.16
CA SER B 21 -10.86 37.72 -2.84
C SER B 21 -10.96 37.73 -4.35
N LYS B 22 -11.98 37.09 -4.92
CA LYS B 22 -12.12 37.05 -6.37
C LYS B 22 -12.08 38.43 -7.01
N THR B 23 -12.64 39.43 -6.34
CA THR B 23 -12.63 40.77 -6.87
C THR B 23 -11.18 41.31 -6.99
N ILE B 24 -10.26 40.84 -6.16
CA ILE B 24 -8.84 41.19 -6.32
C ILE B 24 -8.19 40.43 -7.50
N LEU B 25 -8.56 39.16 -7.65
CA LEU B 25 -8.13 38.37 -8.81
C LEU B 25 -8.50 39.10 -10.13
N ALA B 26 -9.76 39.55 -10.19
CA ALA B 26 -10.30 40.26 -11.35
C ALA B 26 -9.60 41.60 -11.60
N ARG B 27 -9.43 42.38 -10.53
CA ARG B 27 -8.64 43.64 -10.57
C ARG B 27 -7.26 43.44 -11.16
N LEU B 28 -6.57 42.41 -10.68
CA LEU B 28 -5.23 42.13 -11.12
C LEU B 28 -5.24 41.80 -12.60
N ASN B 29 -6.21 40.98 -13.02
CA ASN B 29 -6.32 40.58 -14.43
C ASN B 29 -6.58 41.79 -15.32
N GLU B 30 -7.42 42.70 -14.81
CA GLU B 30 -7.85 43.91 -15.53
C GLU B 30 -6.68 44.89 -15.65
N LYS B 31 -6.09 45.24 -14.51
CA LYS B 31 -5.06 46.26 -14.48
C LYS B 31 -3.78 45.83 -15.19
N PHE B 32 -3.42 44.55 -15.12
CA PHE B 32 -2.15 44.07 -15.70
C PHE B 32 -2.28 43.18 -16.94
N SER B 33 -3.48 43.12 -17.50
CA SER B 33 -3.76 42.32 -18.70
C SER B 33 -3.21 40.90 -18.59
N LEU B 34 -3.63 40.22 -17.51
CA LEU B 34 -3.17 38.86 -17.19
C LEU B 34 -4.12 37.85 -17.79
N PRO B 35 -3.63 37.02 -18.72
CA PRO B 35 -4.48 35.98 -19.31
C PRO B 35 -4.64 34.77 -18.36
N ILE B 36 -5.24 34.99 -17.19
CA ILE B 36 -5.47 33.92 -16.23
C ILE B 36 -6.96 33.57 -16.19
N GLU B 37 -7.30 32.29 -16.35
CA GLU B 37 -8.67 31.81 -16.15
C GLU B 37 -8.76 31.00 -14.84
N TYR B 38 -9.64 31.44 -13.92
CA TYR B 38 -9.91 30.74 -12.65
C TYR B 38 -11.15 29.82 -12.76
N ILE B 39 -10.94 28.52 -12.60
CA ILE B 39 -12.03 27.56 -12.69
C ILE B 39 -12.29 26.98 -11.30
N GLU B 40 -13.52 27.07 -10.83
CA GLU B 40 -13.83 26.62 -9.49
C GLU B 40 -13.85 25.11 -9.46
N VAL B 41 -13.15 24.55 -8.46
CA VAL B 41 -12.99 23.13 -8.28
C VAL B 41 -13.34 22.83 -6.84
N GLU B 42 -14.04 21.73 -6.62
CA GLU B 42 -14.45 21.29 -5.29
C GLU B 42 -13.45 20.34 -4.64
N ALA B 43 -13.14 20.60 -3.37
CA ALA B 43 -12.38 19.65 -2.55
C ALA B 43 -12.60 19.91 -1.06
N GLY B 44 -12.52 18.86 -0.26
CA GLY B 44 -12.55 18.97 1.19
C GLY B 44 -13.71 18.24 1.84
N ASP B 45 -14.02 18.62 3.09
CA ASP B 45 -15.01 17.91 3.90
C ASP B 45 -16.44 18.03 3.34
N THR B 46 -16.87 19.24 3.00
CA THR B 46 -18.20 19.49 2.43
C THR B 46 -18.40 18.76 1.08
N THR B 47 -17.36 18.77 0.28
CA THR B 47 -17.32 18.08 -0.99
C THR B 47 -17.47 16.57 -0.80
N LYS B 48 -16.78 16.04 0.21
CA LYS B 48 -16.88 14.62 0.50
C LYS B 48 -18.27 14.24 0.92
N ASN B 49 -18.88 15.01 1.81
CA ASN B 49 -20.24 14.75 2.22
C ASN B 49 -21.24 14.80 1.05
N LYS B 50 -21.08 15.75 0.13
CA LYS B 50 -22.03 15.87 -0.99
C LYS B 50 -21.76 14.84 -2.08
N PHE B 51 -20.50 14.67 -2.44
CA PHE B 51 -20.14 13.85 -3.61
C PHE B 51 -19.57 12.45 -3.26
N GLY B 52 -19.28 12.21 -1.99
CA GLY B 52 -18.61 10.96 -1.59
C GLY B 52 -17.08 10.94 -1.64
N ASP B 53 -16.44 11.90 -2.31
CA ASP B 53 -14.97 12.00 -2.27
C ASP B 53 -14.52 13.41 -1.95
N ALA B 54 -13.47 13.51 -1.14
CA ALA B 54 -12.76 14.77 -0.87
C ALA B 54 -12.18 15.39 -2.14
N LEU B 55 -11.84 14.56 -3.12
CA LEU B 55 -11.43 15.02 -4.44
C LEU B 55 -12.18 14.17 -5.47
N PRO B 56 -13.39 14.61 -5.87
CA PRO B 56 -14.16 13.81 -6.82
C PRO B 56 -13.55 13.85 -8.22
N LYS B 57 -13.96 12.90 -9.05
CA LYS B 57 -13.48 12.76 -10.44
C LYS B 57 -13.41 14.05 -11.25
N ASP B 58 -14.49 14.83 -11.22
CA ASP B 58 -14.59 16.08 -11.99
C ASP B 58 -13.56 17.08 -11.48
N SER B 59 -13.34 17.11 -10.17
CA SER B 59 -12.30 17.97 -9.59
C SER B 59 -10.92 17.59 -10.10
N LEU B 60 -10.59 16.31 -10.08
CA LEU B 60 -9.32 15.81 -10.64
C LEU B 60 -9.20 16.08 -12.14
N ARG B 61 -10.32 16.01 -12.85
CA ARG B 61 -10.36 16.32 -14.27
C ARG B 61 -9.93 17.77 -14.53
N VAL B 62 -10.53 18.71 -13.80
CA VAL B 62 -10.17 20.10 -13.97
C VAL B 62 -8.74 20.34 -13.51
N ILE B 63 -8.30 19.65 -12.45
CA ILE B 63 -6.95 19.89 -11.91
C ILE B 63 -5.89 19.48 -12.92
N GLU B 64 -6.10 18.34 -13.57
CA GLU B 64 -5.24 17.91 -14.66
C GLU B 64 -5.02 18.97 -15.73
N LYS B 65 -6.08 19.62 -16.13
CA LYS B 65 -5.98 20.58 -17.22
C LYS B 65 -5.33 21.87 -16.75
N ALA B 66 -5.52 22.17 -15.47
CA ALA B 66 -4.98 23.42 -14.92
C ALA B 66 -3.48 23.39 -14.86
N ASP B 67 -2.91 24.59 -14.88
CA ASP B 67 -1.47 24.80 -14.69
C ASP B 67 -1.14 24.92 -13.20
N MET B 68 -2.08 25.47 -12.44
CA MET B 68 -1.83 25.79 -11.04
C MET B 68 -3.09 25.62 -10.23
N ILE B 69 -2.90 25.28 -8.95
CA ILE B 69 -3.98 25.17 -8.01
C ILE B 69 -3.86 26.27 -6.95
N LEU B 70 -4.97 26.94 -6.68
CA LEU B 70 -5.00 28.00 -5.70
C LEU B 70 -6.09 27.64 -4.73
N LYS B 71 -5.74 27.34 -3.50
CA LYS B 71 -6.76 26.85 -2.57
C LYS B 71 -6.83 27.58 -1.24
N GLY B 72 -8.03 27.57 -0.66
CA GLY B 72 -8.21 27.85 0.75
C GLY B 72 -7.96 26.59 1.58
N PRO B 73 -8.11 26.70 2.91
CA PRO B 73 -7.92 25.59 3.83
C PRO B 73 -8.96 24.51 3.66
N VAL B 74 -8.56 23.28 3.94
CA VAL B 74 -9.42 22.11 3.95
C VAL B 74 -9.45 21.64 5.42
N GLY B 75 -10.52 20.97 5.82
CA GLY B 75 -10.68 20.50 7.20
C GLY B 75 -10.04 19.14 7.46
N GLU B 76 -10.86 18.19 7.93
CA GLU B 76 -10.43 16.83 8.28
C GLU B 76 -9.87 16.02 7.11
N THR B 77 -10.21 16.39 5.88
CA THR B 77 -9.66 15.69 4.72
C THR B 77 -8.38 16.36 4.14
N ALA B 78 -7.76 17.28 4.89
CA ALA B 78 -6.60 18.04 4.38
C ALA B 78 -5.48 17.15 3.87
N ALA B 79 -5.14 16.11 4.62
CA ALA B 79 -4.09 15.16 4.22
C ALA B 79 -4.48 14.41 2.94
N ASP B 80 -5.72 13.94 2.89
CA ASP B 80 -6.25 13.23 1.72
C ASP B 80 -6.16 14.07 0.46
N VAL B 81 -6.37 15.37 0.59
CA VAL B 81 -6.33 16.27 -0.55
C VAL B 81 -4.89 16.67 -0.88
N VAL B 82 -4.25 17.34 0.07
CA VAL B 82 -2.99 18.01 -0.19
C VAL B 82 -1.85 17.04 -0.48
N VAL B 83 -1.72 16.01 0.34
CA VAL B 83 -0.69 15.02 0.12
C VAL B 83 -0.82 14.30 -1.22
N LYS B 84 -2.03 13.84 -1.56
CA LYS B 84 -2.24 13.19 -2.85
C LYS B 84 -1.76 14.09 -3.98
N LEU B 85 -2.17 15.35 -3.95
CA LEU B 85 -1.77 16.33 -4.97
C LEU B 85 -0.24 16.53 -5.07
N ARG B 86 0.40 16.67 -3.92
CA ARG B 86 1.86 16.72 -3.84
C ARG B 86 2.58 15.56 -4.52
N LEU B 87 2.17 14.33 -4.20
CA LEU B 87 2.78 13.14 -4.78
C LEU B 87 2.39 12.93 -6.25
N MET B 88 1.12 13.14 -6.57
CA MET B 88 0.63 12.96 -7.93
C MET B 88 1.39 13.85 -8.91
N TYR B 89 1.61 15.11 -8.56
CA TYR B 89 2.18 16.07 -9.48
C TYR B 89 3.59 16.48 -9.12
N ASP B 90 4.25 15.70 -8.26
CA ASP B 90 5.63 15.90 -7.88
C ASP B 90 5.93 17.38 -7.56
N LEU B 91 5.12 17.92 -6.64
CA LEU B 91 5.25 19.31 -6.19
C LEU B 91 6.29 19.28 -5.11
N TYR B 92 7.54 19.34 -5.54
CA TYR B 92 8.63 18.91 -4.69
C TYR B 92 9.18 20.00 -3.75
N ALA B 93 8.94 21.27 -4.06
CA ALA B 93 9.47 22.34 -3.21
C ALA B 93 8.32 22.99 -2.46
N ASN B 94 8.36 22.89 -1.14
CA ASN B 94 7.45 23.60 -0.23
C ASN B 94 8.10 24.83 0.36
N LEU B 95 7.62 25.99 -0.06
CA LEU B 95 8.13 27.30 0.33
C LEU B 95 7.25 27.93 1.39
N ARG B 96 7.83 28.08 2.57
CA ARG B 96 7.14 28.53 3.77
C ARG B 96 7.80 29.78 4.34
N PRO B 97 7.38 30.97 3.89
CA PRO B 97 7.94 32.19 4.47
C PRO B 97 7.32 32.48 5.81
N ALA B 98 8.16 32.98 6.72
CA ALA B 98 7.76 33.39 8.06
C ALA B 98 8.29 34.82 8.23
N LYS B 99 7.41 35.77 7.99
CA LYS B 99 7.80 37.17 7.89
C LYS B 99 6.80 38.03 8.65
N SER B 100 7.30 38.90 9.51
CA SER B 100 6.47 39.86 10.23
C SER B 100 5.92 40.92 9.25
N LEU B 101 4.70 41.39 9.51
CA LEU B 101 4.10 42.47 8.73
C LEU B 101 4.10 43.76 9.56
N PRO B 102 3.95 44.94 8.89
CA PRO B 102 3.99 46.22 9.61
C PRO B 102 2.64 46.65 10.19
N GLY B 103 2.60 47.21 11.40
CA GLY B 103 3.56 47.01 12.44
C GLY B 103 2.69 46.22 13.39
N LEU B 104 2.83 44.91 13.36
CA LEU B 104 2.07 44.06 14.23
C LEU B 104 2.87 43.86 15.50
N GLU B 105 2.15 44.00 16.61
CA GLU B 105 2.52 43.43 17.90
C GLU B 105 3.05 42.01 17.67
N ASN B 106 4.22 41.72 18.23
CA ASN B 106 4.80 40.39 18.16
C ASN B 106 5.94 40.24 19.16
N LYS B 107 5.99 39.11 19.86
CA LYS B 107 6.97 38.88 20.96
C LYS B 107 8.46 38.96 20.58
N PHE B 108 8.82 38.62 19.35
CA PHE B 108 10.23 38.49 18.98
C PHE B 108 10.70 39.59 18.06
N GLY B 109 9.90 40.64 17.91
CA GLY B 109 10.22 41.68 16.94
C GLY B 109 9.97 41.22 15.53
N ASP B 110 10.68 41.82 14.57
CA ASP B 110 10.51 41.49 13.17
C ASP B 110 11.41 40.32 12.83
N VAL B 111 10.80 39.27 12.31
CA VAL B 111 11.53 38.08 11.90
C VAL B 111 11.32 37.91 10.41
N ASP B 112 12.32 37.41 9.72
CA ASP B 112 12.16 37.16 8.29
C ASP B 112 12.93 35.89 7.95
N ILE B 113 12.22 34.78 7.90
CA ILE B 113 12.85 33.46 7.72
C ILE B 113 12.10 32.71 6.63
N LEU B 114 12.82 31.94 5.81
CA LEU B 114 12.14 31.14 4.76
C LEU B 114 12.53 29.71 4.99
N VAL B 115 11.56 28.85 5.21
CA VAL B 115 11.84 27.41 5.21
C VAL B 115 11.59 26.85 3.82
N VAL B 116 12.60 26.20 3.27
CA VAL B 116 12.49 25.45 2.01
C VAL B 116 12.46 23.95 2.35
N ARG B 117 11.32 23.33 2.14
CA ARG B 117 11.03 22.00 2.64
C ARG B 117 10.81 21.04 1.46
N GLU B 118 11.63 20.00 1.40
CA GLU B 118 11.43 18.90 0.46
C GLU B 118 10.04 18.29 0.68
N ASN B 119 9.28 18.21 -0.38
CA ASN B 119 7.83 18.02 -0.27
C ASN B 119 7.30 16.73 -0.85
N THR B 120 8.16 15.80 -1.27
CA THR B 120 7.71 14.53 -1.90
C THR B 120 8.23 13.21 -1.36
N GLU B 121 9.25 13.20 -0.53
CA GLU B 121 9.73 11.94 0.01
C GLU B 121 9.79 11.96 1.56
N ASP B 122 10.85 11.45 2.19
CA ASP B 122 10.89 11.29 3.65
C ASP B 122 9.83 10.25 4.05
N LEU B 123 8.94 10.55 4.99
CA LEU B 123 7.87 9.59 5.38
C LEU B 123 6.46 9.87 4.80
N TYR B 124 6.34 10.83 3.89
CA TYR B 124 5.04 11.28 3.37
C TYR B 124 4.44 10.42 2.26
N LYS B 125 5.19 9.44 1.73
CA LYS B 125 4.65 8.56 0.71
C LYS B 125 3.73 7.47 1.27
N GLY B 126 3.60 7.42 2.59
CA GLY B 126 2.68 6.49 3.23
C GLY B 126 3.05 5.04 3.01
N LEU B 127 4.35 4.76 3.04
CA LEU B 127 4.79 3.42 2.79
C LEU B 127 4.82 2.71 4.14
N GLU B 128 3.65 2.32 4.65
CA GLU B 128 3.52 1.88 6.04
C GLU B 128 2.75 0.58 6.12
N HIS B 129 3.06 -0.28 7.11
CA HIS B 129 2.30 -1.54 7.28
C HIS B 129 2.35 -2.15 8.64
N VAL B 130 1.35 -2.97 8.92
CA VAL B 130 1.38 -3.84 10.04
C VAL B 130 2.09 -5.10 9.60
N ILE B 131 3.22 -5.40 10.22
CA ILE B 131 3.91 -6.59 9.80
C ILE B 131 3.62 -7.76 10.72
N SER B 132 3.09 -7.49 11.90
CA SER B 132 2.89 -8.52 12.90
C SER B 132 1.97 -7.96 13.97
N ASP B 133 1.36 -8.80 14.79
CA ASP B 133 0.48 -8.31 15.86
C ASP B 133 1.23 -7.27 16.70
N GLY B 134 0.81 -6.02 16.66
CA GLY B 134 1.41 -4.97 17.46
C GLY B 134 2.73 -4.41 16.97
N VAL B 135 3.04 -4.66 15.71
CA VAL B 135 4.29 -4.16 15.15
C VAL B 135 4.01 -3.54 13.80
N THR B 136 4.36 -2.26 13.69
CA THR B 136 4.21 -1.54 12.45
C THR B 136 5.54 -0.98 11.99
N VAL B 137 5.62 -0.69 10.71
CA VAL B 137 6.85 -0.26 10.13
C VAL B 137 6.53 0.83 9.11
N GLY B 138 7.43 1.77 8.92
CA GLY B 138 7.26 2.78 7.87
C GLY B 138 8.60 2.95 7.16
N ILE B 139 8.55 3.29 5.89
CA ILE B 139 9.79 3.39 5.07
C ILE B 139 10.07 4.82 4.71
N LYS B 140 11.13 5.36 5.28
CA LYS B 140 11.58 6.67 4.97
C LYS B 140 12.46 6.56 3.74
N VAL B 141 12.25 7.46 2.77
CA VAL B 141 12.98 7.40 1.51
C VAL B 141 13.69 8.73 1.33
N ILE B 142 14.99 8.69 1.14
CA ILE B 142 15.76 9.84 0.77
C ILE B 142 16.54 9.53 -0.51
N THR B 143 16.38 10.37 -1.54
CA THR B 143 17.06 10.19 -2.80
C THR B 143 18.00 11.35 -3.08
N ARG B 144 19.01 11.08 -3.90
CA ARG B 144 19.94 12.11 -4.31
C ARG B 144 19.25 13.16 -5.19
N ALA B 145 18.43 12.69 -6.14
CA ALA B 145 17.72 13.56 -7.09
C ALA B 145 16.84 14.55 -6.34
N ALA B 146 15.98 14.03 -5.46
CA ALA B 146 15.13 14.90 -4.65
C ALA B 146 15.90 15.89 -3.76
N SER B 147 16.96 15.43 -3.11
CA SER B 147 17.71 16.28 -2.21
C SER B 147 18.47 17.37 -2.97
N THR B 148 19.01 17.00 -4.12
CA THR B 148 19.63 17.96 -5.02
C THR B 148 18.64 19.02 -5.52
N ARG B 149 17.44 18.60 -5.97
CA ARG B 149 16.40 19.51 -6.46
C ARG B 149 16.05 20.55 -5.40
N ILE B 150 15.87 20.11 -4.15
CA ILE B 150 15.42 21.00 -3.11
C ILE B 150 16.54 21.97 -2.71
N ALA B 151 17.79 21.54 -2.81
CA ALA B 151 18.90 22.41 -2.51
C ALA B 151 19.07 23.51 -3.58
N GLN B 152 18.84 23.15 -4.84
CA GLN B 152 18.83 24.14 -5.92
C GLN B 152 17.77 25.21 -5.72
N VAL B 153 16.58 24.79 -5.27
CA VAL B 153 15.56 25.75 -4.93
C VAL B 153 16.02 26.64 -3.76
N ALA B 154 16.67 26.06 -2.75
CA ALA B 154 17.18 26.84 -1.62
C ALA B 154 18.26 27.85 -2.03
N LEU B 155 19.04 27.47 -3.02
CA LEU B 155 20.04 28.36 -3.59
C LEU B 155 19.38 29.64 -4.14
N ASN B 156 18.40 29.48 -5.03
CA ASN B 156 17.75 30.61 -5.68
C ASN B 156 17.03 31.53 -4.67
N GLN B 157 16.39 30.94 -3.67
CA GLN B 157 15.68 31.75 -2.68
C GLN B 157 16.65 32.51 -1.81
N ALA B 158 17.79 31.91 -1.48
CA ALA B 158 18.79 32.54 -0.62
C ALA B 158 19.49 33.70 -1.32
N LEU B 159 19.82 33.49 -2.59
CA LEU B 159 20.43 34.53 -3.41
C LEU B 159 19.52 35.75 -3.52
N ARG B 160 18.22 35.52 -3.53
CA ARG B 160 17.24 36.59 -3.58
CA ARG B 160 17.23 36.59 -3.58
C ARG B 160 17.11 37.30 -2.22
N ARG B 161 17.69 36.71 -1.17
CA ARG B 161 17.56 37.20 0.20
C ARG B 161 18.93 37.59 0.77
N LYS B 162 19.36 36.96 1.86
CA LYS B 162 20.60 37.40 2.50
C LYS B 162 21.78 36.45 2.29
N LYS B 163 21.65 35.61 1.26
CA LYS B 163 22.72 34.74 0.79
C LYS B 163 23.18 33.72 1.79
N LYS B 164 22.25 33.25 2.61
CA LYS B 164 22.56 32.46 3.79
C LYS B 164 21.60 31.28 3.91
N VAL B 165 22.14 30.08 3.90
CA VAL B 165 21.36 28.85 3.99
C VAL B 165 21.89 27.98 5.11
N VAL B 166 20.98 27.46 5.94
CA VAL B 166 21.30 26.38 6.87
C VAL B 166 20.54 25.09 6.46
N CYS B 167 21.32 24.03 6.25
CA CYS B 167 20.77 22.69 6.02
C CYS B 167 20.49 21.99 7.36
N VAL B 168 19.23 21.63 7.61
CA VAL B 168 18.84 21.04 8.87
C VAL B 168 18.52 19.53 8.74
N HIS B 169 19.14 18.73 9.61
CA HIS B 169 19.08 17.26 9.53
C HIS B 169 19.47 16.62 10.87
N LYS B 170 19.47 15.30 10.89
CA LYS B 170 19.96 14.54 12.05
C LYS B 170 20.88 13.41 11.61
N SER B 171 21.96 13.74 10.88
CA SER B 171 22.81 12.69 10.28
C SER B 171 23.74 12.02 11.29
N ASN B 172 23.86 12.57 12.50
CA ASN B 172 24.56 11.83 13.57
C ASN B 172 23.84 10.53 13.97
N VAL B 173 22.53 10.46 13.76
CA VAL B 173 21.75 9.27 14.12
C VAL B 173 21.31 8.52 12.87
N MET B 174 20.86 9.26 11.85
CA MET B 174 20.46 8.67 10.56
C MET B 174 21.58 8.87 9.56
N ARG B 175 22.56 8.00 9.63
CA ARG B 175 23.84 8.23 8.98
C ARG B 175 23.72 8.14 7.48
N ILE B 176 22.73 7.40 7.01
CA ILE B 176 22.64 7.05 5.60
C ILE B 176 21.59 7.91 4.89
N THR B 177 20.40 8.01 5.48
CA THR B 177 19.36 8.79 4.84
C THR B 177 19.65 10.27 4.99
N ASP B 178 19.77 10.71 6.22
CA ASP B 178 20.05 12.12 6.48
C ASP B 178 21.46 12.47 5.97
N GLY B 179 22.38 11.51 6.00
CA GLY B 179 23.73 11.75 5.42
C GLY B 179 23.68 12.02 3.92
N LEU B 180 22.90 11.26 3.15
CA LEU B 180 22.69 11.60 1.73
C LEU B 180 22.01 12.97 1.47
N PHE B 181 21.02 13.31 2.27
CA PHE B 181 20.39 14.61 2.14
C PHE B 181 21.45 15.73 2.32
N ALA B 182 22.18 15.67 3.44
CA ALA B 182 23.18 16.69 3.77
C ALA B 182 24.28 16.80 2.72
N GLU B 183 24.77 15.64 2.27
CA GLU B 183 25.78 15.59 1.20
C GLU B 183 25.24 16.24 -0.08
N SER B 184 23.99 15.94 -0.45
CA SER B 184 23.41 16.56 -1.67
C SER B 184 23.26 18.09 -1.52
N CYS B 185 22.88 18.56 -0.33
CA CYS B 185 22.78 19.99 -0.06
C CYS B 185 24.16 20.66 -0.15
N ARG B 186 25.16 20.07 0.49
CA ARG B 186 26.57 20.48 0.35
C ARG B 186 27.05 20.67 -1.09
N ASN B 187 26.83 19.66 -1.90
CA ASN B 187 27.32 19.67 -3.27
C ASN B 187 26.70 20.74 -4.12
N VAL B 188 25.48 21.14 -3.79
CA VAL B 188 24.83 22.19 -4.54
C VAL B 188 25.26 23.55 -4.00
N LEU B 189 25.36 23.69 -2.68
CA LEU B 189 25.33 25.01 -2.03
C LEU B 189 26.71 25.61 -1.68
N LYS B 190 27.66 24.76 -1.30
CA LYS B 190 28.95 25.24 -0.86
C LYS B 190 29.66 25.99 -1.99
N GLY B 191 30.14 27.19 -1.67
CA GLY B 191 30.87 28.01 -2.65
C GLY B 191 29.98 28.97 -3.39
N LYS B 192 28.65 28.81 -3.22
CA LYS B 192 27.67 29.71 -3.83
C LYS B 192 26.87 30.54 -2.82
N VAL B 193 26.84 30.08 -1.58
CA VAL B 193 26.15 30.78 -0.49
C VAL B 193 26.94 30.63 0.79
N GLU B 194 26.57 31.41 1.79
CA GLU B 194 27.10 31.22 3.13
C GLU B 194 26.37 30.02 3.76
N TYR B 195 27.04 28.87 3.75
CA TYR B 195 26.43 27.59 4.07
C TYR B 195 26.82 27.07 5.46
N SER B 196 25.84 26.47 6.13
CA SER B 196 26.08 25.81 7.40
C SER B 196 25.04 24.70 7.61
N GLU B 197 25.30 23.84 8.62
CA GLU B 197 24.42 22.74 8.95
C GLU B 197 24.10 22.78 10.44
N MET B 198 22.91 22.31 10.77
CA MET B 198 22.47 22.34 12.13
C MET B 198 21.62 21.10 12.37
N TYR B 199 21.77 20.51 13.54
CA TYR B 199 20.94 19.37 13.89
C TYR B 199 19.54 19.88 14.19
N VAL B 200 18.55 19.09 13.83
CA VAL B 200 17.16 19.53 13.90
C VAL B 200 16.73 19.93 15.31
N ASP B 201 17.23 19.23 16.34
CA ASP B 201 16.87 19.60 17.70
C ASP B 201 17.50 20.92 18.07
N ALA B 202 18.77 21.09 17.74
CA ALA B 202 19.44 22.38 17.95
C ALA B 202 18.74 23.52 17.18
N ALA B 203 18.28 23.25 15.96
CA ALA B 203 17.50 24.25 15.21
C ALA B 203 16.27 24.69 15.94
N ALA B 204 15.49 23.75 16.48
CA ALA B 204 14.29 24.12 17.19
C ALA B 204 14.58 25.05 18.38
N ALA B 205 15.67 24.78 19.11
CA ALA B 205 16.09 25.62 20.22
C ALA B 205 16.63 26.96 19.74
N ASN B 206 17.39 26.95 18.67
CA ASN B 206 18.03 28.16 18.19
C ASN B 206 17.05 29.15 17.54
N LEU B 207 15.98 28.64 16.91
CA LEU B 207 14.93 29.52 16.40
C LEU B 207 14.32 30.36 17.51
N VAL B 208 14.05 29.74 18.65
CA VAL B 208 13.57 30.44 19.81
C VAL B 208 14.62 31.42 20.33
N ARG B 209 15.86 30.95 20.47
CA ARG B 209 16.91 31.72 21.12
C ARG B 209 17.30 32.96 20.32
N ASN B 210 17.54 32.81 19.03
CA ASN B 210 17.78 33.95 18.17
C ASN B 210 17.23 33.82 16.74
N PRO B 211 15.94 34.08 16.56
CA PRO B 211 15.36 33.89 15.24
C PRO B 211 15.95 34.83 14.20
N GLN B 212 16.46 35.97 14.67
CA GLN B 212 17.04 36.99 13.80
C GLN B 212 18.31 36.51 13.08
N ALA B 213 18.94 35.43 13.59
CA ALA B 213 20.10 34.83 12.92
C ALA B 213 19.80 34.05 11.64
N PHE B 214 18.55 33.68 11.37
CA PHE B 214 18.25 32.81 10.23
C PHE B 214 17.73 33.55 9.00
N ASP B 215 18.12 33.05 7.83
CA ASP B 215 17.65 33.60 6.56
C ASP B 215 16.84 32.49 5.85
N VAL B 216 17.53 31.50 5.29
CA VAL B 216 16.89 30.36 4.66
C VAL B 216 17.27 29.06 5.37
N ILE B 217 16.26 28.24 5.65
CA ILE B 217 16.45 26.87 6.17
C ILE B 217 16.06 25.93 5.05
N VAL B 218 16.94 24.97 4.73
CA VAL B 218 16.58 23.90 3.78
C VAL B 218 16.62 22.58 4.58
N THR B 219 15.60 21.76 4.41
CA THR B 219 15.45 20.55 5.21
C THR B 219 14.49 19.57 4.60
N GLU B 220 14.30 18.45 5.28
CA GLU B 220 13.47 17.35 4.78
C GLU B 220 11.98 17.57 5.09
N ASN B 221 11.15 16.65 4.64
CA ASN B 221 9.69 16.80 4.69
C ASN B 221 9.16 16.98 6.12
N THR B 222 9.40 16.00 6.99
CA THR B 222 8.99 16.08 8.39
C THR B 222 9.67 17.22 9.18
N TYR B 223 10.97 17.36 9.09
CA TYR B 223 11.63 18.41 9.85
C TYR B 223 11.05 19.75 9.44
N GLY B 224 10.78 19.93 8.15
CA GLY B 224 10.26 21.18 7.62
C GLY B 224 8.84 21.49 8.09
N ASP B 225 7.99 20.47 8.15
CA ASP B 225 6.63 20.64 8.67
C ASP B 225 6.70 21.25 10.07
N ILE B 226 7.60 20.74 10.91
CA ILE B 226 7.70 21.17 12.28
C ILE B 226 8.35 22.56 12.36
N LEU B 227 9.47 22.78 11.70
CA LEU B 227 10.16 24.05 11.84
C LEU B 227 9.46 25.26 11.20
N SER B 228 8.72 25.01 10.13
CA SER B 228 7.87 26.02 9.51
C SER B 228 6.86 26.62 10.46
N ASP B 229 6.17 25.76 11.19
CA ASP B 229 5.14 26.18 12.12
C ASP B 229 5.77 26.92 13.29
N GLU B 230 6.89 26.41 13.81
CA GLU B 230 7.62 27.06 14.88
C GLU B 230 8.06 28.45 14.44
N ALA B 231 8.71 28.51 13.28
CA ALA B 231 9.24 29.78 12.78
C ALA B 231 8.10 30.73 12.49
N GLY B 232 7.01 30.17 11.98
CA GLY B 232 5.82 30.95 11.73
C GLY B 232 5.21 31.55 12.98
N GLN B 233 5.15 30.78 14.07
CA GLN B 233 4.62 31.33 15.32
C GLN B 233 5.57 32.39 15.88
N ILE B 234 6.87 32.13 15.78
CA ILE B 234 7.86 33.08 16.28
C ILE B 234 7.69 34.43 15.60
N ALA B 235 7.56 34.41 14.27
CA ALA B 235 7.33 35.63 13.51
C ALA B 235 5.97 36.30 13.79
N GLY B 236 5.05 35.61 14.44
CA GLY B 236 3.69 36.11 14.68
C GLY B 236 2.81 36.07 13.42
N SER B 237 3.18 35.22 12.45
CA SER B 237 2.62 35.28 11.09
C SER B 237 1.87 34.03 10.65
N LEU B 238 1.57 33.12 11.57
CA LEU B 238 1.06 31.83 11.16
C LEU B 238 -0.33 31.94 10.50
N GLY B 239 -1.18 32.81 11.05
CA GLY B 239 -2.48 33.07 10.50
C GLY B 239 -2.44 33.94 9.26
N ILE B 240 -1.26 34.46 8.94
CA ILE B 240 -1.08 35.46 7.90
C ILE B 240 -0.25 35.01 6.71
N SER B 241 0.45 33.89 6.85
CA SER B 241 1.53 33.58 5.90
C SER B 241 1.05 32.60 4.81
N PRO B 242 1.60 32.74 3.59
CA PRO B 242 1.25 31.93 2.46
C PRO B 242 2.11 30.68 2.40
N SER B 243 1.84 29.84 1.42
CA SER B 243 2.79 28.82 1.06
C SER B 243 2.65 28.46 -0.42
N ALA B 244 3.73 27.90 -0.94
CA ALA B 244 3.81 27.45 -2.30
C ALA B 244 4.34 26.02 -2.32
N ASN B 245 3.74 25.19 -3.18
CA ASN B 245 4.28 23.88 -3.48
C ASN B 245 4.59 23.89 -4.98
N ILE B 246 5.86 23.99 -5.32
CA ILE B 246 6.29 24.15 -6.69
C ILE B 246 6.68 22.81 -7.34
N GLY B 247 6.06 22.52 -8.49
CA GLY B 247 6.46 21.39 -9.34
C GLY B 247 6.84 21.91 -10.72
N ASP B 248 7.37 21.06 -11.58
CA ASP B 248 7.76 21.53 -12.92
C ASP B 248 6.56 21.89 -13.84
N ARG B 249 5.54 21.03 -13.89
CA ARG B 249 4.38 21.22 -14.76
C ARG B 249 3.18 21.79 -14.00
N LYS B 250 3.27 21.86 -12.68
CA LYS B 250 2.12 22.17 -11.86
C LYS B 250 2.62 22.80 -10.55
N SER B 251 1.83 23.71 -9.98
CA SER B 251 2.11 24.29 -8.65
C SER B 251 0.82 24.48 -7.85
N LEU B 252 0.95 24.42 -6.53
CA LEU B 252 -0.16 24.61 -5.63
C LEU B 252 0.17 25.71 -4.63
N PHE B 253 -0.78 26.62 -4.43
CA PHE B 253 -0.65 27.75 -3.52
C PHE B 253 -1.82 27.76 -2.53
N GLU B 254 -1.51 27.90 -1.25
CA GLU B 254 -2.49 27.81 -0.18
C GLU B 254 -1.98 28.59 1.07
N PRO B 255 -2.89 29.10 1.92
CA PRO B 255 -2.45 29.63 3.20
C PRO B 255 -1.96 28.47 4.07
N VAL B 256 -1.09 28.76 5.02
CA VAL B 256 -0.75 27.73 6.01
C VAL B 256 -1.82 27.55 7.10
N HIS B 257 -2.65 28.56 7.36
CA HIS B 257 -3.70 28.44 8.39
C HIS B 257 -4.80 27.39 8.07
N GLY B 258 -5.41 26.86 9.11
CA GLY B 258 -6.48 25.87 8.97
C GLY B 258 -7.83 26.46 8.59
N ALA B 259 -8.86 25.63 8.71
CA ALA B 259 -10.23 25.98 8.31
C ALA B 259 -10.94 26.92 9.29
N ALA B 260 -10.47 26.97 10.54
CA ALA B 260 -11.02 27.88 11.53
C ALA B 260 -12.55 27.89 11.53
N PHE B 261 -13.15 26.72 11.70
CA PHE B 261 -14.60 26.57 11.70
C PHE B 261 -15.26 27.47 12.75
N ASP B 262 -14.63 27.58 13.91
CA ASP B 262 -14.96 28.58 14.95
C ASP B 262 -15.49 29.95 14.45
N ILE B 263 -14.85 30.54 13.43
CA ILE B 263 -15.21 31.89 12.95
C ILE B 263 -15.85 31.97 11.56
N ALA B 264 -16.26 30.83 11.01
CA ALA B 264 -16.83 30.79 9.67
C ALA B 264 -18.21 31.46 9.67
N GLY B 265 -18.44 32.36 8.72
CA GLY B 265 -19.74 33.02 8.58
C GLY B 265 -19.82 34.39 9.21
N LYS B 266 -18.81 34.79 9.98
CA LYS B 266 -18.85 36.06 10.71
C LYS B 266 -18.25 37.26 9.98
N ASN B 267 -17.85 37.08 8.73
CA ASN B 267 -17.34 38.17 7.89
C ASN B 267 -16.07 38.82 8.44
N ILE B 268 -15.32 38.09 9.26
CA ILE B 268 -14.10 38.62 9.89
C ILE B 268 -12.81 37.91 9.49
N ALA B 269 -12.91 36.76 8.82
CA ALA B 269 -11.68 36.02 8.49
C ALA B 269 -10.70 36.92 7.74
N ASN B 270 -9.41 36.75 8.05
CA ASN B 270 -8.36 37.57 7.46
C ASN B 270 -7.96 36.98 6.11
N PRO B 271 -8.14 37.74 4.99
CA PRO B 271 -7.78 37.20 3.68
C PRO B 271 -6.28 37.32 3.30
N THR B 272 -5.43 37.75 4.21
CA THR B 272 -4.03 38.07 3.92
C THR B 272 -3.21 36.88 3.46
N ALA B 273 -3.38 35.75 4.10
CA ALA B 273 -2.60 34.57 3.77
C ALA B 273 -2.95 34.10 2.36
N PHE B 274 -4.25 34.01 2.07
CA PHE B 274 -4.67 33.64 0.73
C PHE B 274 -4.11 34.61 -0.30
N LEU B 275 -4.13 35.90 0.03
CA LEU B 275 -3.75 36.93 -0.93
C LEU B 275 -2.25 36.91 -1.20
N LEU B 276 -1.45 36.68 -0.17
CA LEU B 276 -0.02 36.51 -0.39
C LEU B 276 0.28 35.22 -1.16
N SER B 277 -0.55 34.18 -1.01
CA SER B 277 -0.32 32.96 -1.79
CA SER B 277 -0.40 32.94 -1.80
C SER B 277 -0.65 33.23 -3.27
N VAL B 278 -1.60 34.11 -3.54
CA VAL B 278 -1.80 34.63 -4.90
C VAL B 278 -0.55 35.38 -5.38
N GLY B 279 0.12 36.09 -4.48
CA GLY B 279 1.41 36.71 -4.75
C GLY B 279 2.49 35.72 -5.16
N MET B 280 2.58 34.60 -4.45
CA MET B 280 3.51 33.53 -4.82
C MET B 280 3.14 32.84 -6.15
N MET B 281 1.85 32.70 -6.40
CA MET B 281 1.37 32.20 -7.70
C MET B 281 1.82 33.09 -8.86
N LEU B 282 1.71 34.39 -8.69
CA LEU B 282 2.10 35.32 -9.73
C LEU B 282 3.63 35.29 -9.97
N ASP B 283 4.42 35.12 -8.91
CA ASP B 283 5.85 34.90 -9.04
C ASP B 283 6.15 33.69 -9.92
N ARG B 284 5.49 32.57 -9.65
CA ARG B 284 5.69 31.36 -10.44
C ARG B 284 5.19 31.52 -11.89
N MET B 285 4.12 32.27 -12.09
CA MET B 285 3.69 32.59 -13.46
C MET B 285 4.71 33.42 -14.28
N GLN B 286 5.36 34.39 -13.66
CA GLN B 286 6.48 35.04 -14.32
C GLN B 286 7.53 34.04 -14.83
N GLU B 287 7.91 33.09 -13.99
CA GLU B 287 9.00 32.17 -14.33
C GLU B 287 8.63 31.29 -15.50
N LEU B 288 7.45 30.68 -15.47
CA LEU B 288 7.04 29.79 -16.55
C LEU B 288 6.75 30.50 -17.88
N SER B 289 6.20 31.70 -17.84
CA SER B 289 5.79 32.42 -19.04
C SER B 289 6.89 33.31 -19.57
N GLY B 290 7.82 33.70 -18.68
CA GLY B 290 8.79 34.74 -18.99
C GLY B 290 8.30 36.17 -18.97
N ASP B 291 7.00 36.44 -18.81
CA ASP B 291 6.60 37.86 -18.95
C ASP B 291 6.45 38.67 -17.65
N ILE B 292 6.84 39.94 -17.79
CA ILE B 292 7.05 40.86 -16.69
C ILE B 292 5.73 41.26 -16.02
N ARG B 293 4.62 41.23 -16.74
CA ARG B 293 3.31 41.65 -16.19
C ARG B 293 2.86 40.92 -14.90
N TYR B 294 3.28 39.66 -14.73
CA TYR B 294 2.96 38.90 -13.51
C TYR B 294 3.77 39.43 -12.33
N ASN B 295 4.96 39.92 -12.62
CA ASN B 295 5.82 40.54 -11.63
C ASN B 295 5.27 41.88 -11.18
N ASN B 296 4.87 42.70 -12.13
CA ASN B 296 4.32 44.01 -11.79
C ASN B 296 3.05 43.80 -10.96
N ALA B 297 2.22 42.85 -11.39
CA ALA B 297 1.02 42.45 -10.61
C ALA B 297 1.32 41.97 -9.19
N ALA B 298 2.28 41.06 -9.01
CA ALA B 298 2.66 40.61 -7.65
C ALA B 298 3.18 41.73 -6.74
N LYS B 299 3.94 42.67 -7.31
CA LYS B 299 4.46 43.78 -6.54
C LYS B 299 3.32 44.76 -6.18
N SER B 300 2.42 45.00 -7.14
CA SER B 300 1.23 45.82 -6.88
C SER B 300 0.41 45.23 -5.71
N LEU B 301 0.14 43.93 -5.79
CA LEU B 301 -0.58 43.21 -4.75
C LEU B 301 0.11 43.33 -3.41
N ARG B 302 1.40 43.01 -3.38
CA ARG B 302 2.14 42.99 -2.13
C ARG B 302 2.31 44.38 -1.54
N ASP B 303 2.50 45.38 -2.40
CA ASP B 303 2.54 46.78 -1.97
C ASP B 303 1.22 47.17 -1.33
N ALA B 304 0.13 46.91 -2.03
CA ALA B 304 -1.22 47.18 -1.51
C ALA B 304 -1.42 46.54 -0.13
N ILE B 305 -1.00 45.30 0.05
CA ILE B 305 -1.19 44.62 1.32
C ILE B 305 -0.43 45.27 2.47
N TYR B 306 0.84 45.55 2.22
CA TYR B 306 1.69 46.12 3.23
C TYR B 306 1.17 47.48 3.64
N SER B 307 0.68 48.27 2.68
CA SER B 307 0.22 49.61 2.95
C SER B 307 -1.04 49.62 3.81
N VAL B 308 -1.96 48.68 3.58
CA VAL B 308 -3.14 48.64 4.44
C VAL B 308 -2.75 48.24 5.85
N TYR B 309 -1.73 47.39 6.01
CA TYR B 309 -1.25 47.03 7.35
C TYR B 309 -0.51 48.23 7.97
N SER B 310 0.17 49.01 7.13
CA SER B 310 0.92 50.16 7.58
C SER B 310 0.01 51.33 8.04
N GLU B 311 -1.11 51.53 7.36
CA GLU B 311 -2.06 52.60 7.74
C GLU B 311 -3.01 52.23 8.89
N GLY B 312 -3.29 50.94 9.06
CA GLY B 312 -4.09 50.46 10.20
C GLY B 312 -5.61 50.65 10.20
N LYS B 313 -6.17 51.36 9.21
CA LYS B 313 -7.59 51.74 9.28
C LYS B 313 -8.61 50.65 8.85
N TYR B 314 -8.20 49.71 8.00
CA TYR B 314 -9.12 48.71 7.47
C TYR B 314 -8.60 47.27 7.62
N LEU B 315 -8.27 46.89 8.85
CA LEU B 315 -7.78 45.54 9.13
C LEU B 315 -8.83 44.75 9.86
N THR B 316 -8.82 43.44 9.65
CA THR B 316 -9.67 42.55 10.42
C THR B 316 -9.21 42.47 11.87
N PRO B 317 -10.07 41.96 12.77
CA PRO B 317 -9.81 41.91 14.20
C PRO B 317 -8.64 41.04 14.67
N ASP B 318 -8.31 39.98 13.95
CA ASP B 318 -7.19 39.12 14.33
C ASP B 318 -5.84 39.86 14.24
N VAL B 319 -5.75 40.86 13.37
CA VAL B 319 -4.52 41.67 13.27
C VAL B 319 -4.76 43.09 13.77
N GLY B 320 -5.62 43.20 14.77
CA GLY B 320 -5.75 44.43 15.55
C GLY B 320 -6.66 45.48 14.98
N GLY B 321 -7.64 45.09 14.17
CA GLY B 321 -8.54 46.06 13.53
C GLY B 321 -9.96 45.75 13.90
N SER B 322 -10.88 46.51 13.32
CA SER B 322 -12.31 46.31 13.56
C SER B 322 -13.14 46.16 12.28
N SER B 323 -12.49 45.95 11.15
CA SER B 323 -13.19 45.76 9.87
C SER B 323 -13.55 44.32 9.52
N THR B 324 -14.45 44.22 8.55
CA THR B 324 -14.82 42.96 7.95
C THR B 324 -13.83 42.60 6.85
N THR B 325 -13.83 41.32 6.52
CA THR B 325 -13.06 40.80 5.41
C THR B 325 -13.28 41.64 4.17
N ASP B 326 -14.55 42.01 3.97
CA ASP B 326 -14.99 42.75 2.79
C ASP B 326 -14.40 44.16 2.76
N GLU B 327 -14.46 44.83 3.91
CA GLU B 327 -13.87 46.17 4.02
C GLU B 327 -12.36 46.11 3.81
N MET B 328 -11.71 45.05 4.28
CA MET B 328 -10.24 44.95 4.14
C MET B 328 -9.87 44.75 2.67
N ILE B 329 -10.67 43.93 2.00
CA ILE B 329 -10.48 43.66 0.59
C ILE B 329 -10.66 44.91 -0.29
N SER B 330 -11.67 45.72 0.01
CA SER B 330 -11.86 46.99 -0.74
C SER B 330 -10.65 47.91 -0.63
N ALA B 331 -10.16 48.09 0.60
CA ALA B 331 -8.98 48.92 0.85
C ALA B 331 -7.79 48.39 0.05
N ILE B 332 -7.56 47.07 0.10
CA ILE B 332 -6.47 46.47 -0.65
C ILE B 332 -6.68 46.71 -2.15
N ARG B 333 -7.91 46.48 -2.58
CA ARG B 333 -8.30 46.57 -3.98
C ARG B 333 -8.15 47.98 -4.55
N SER B 334 -8.44 48.98 -3.73
CA SER B 334 -8.24 50.38 -4.11
C SER B 334 -6.77 50.73 -4.36
N LYS B 335 -5.84 50.11 -3.65
CA LYS B 335 -4.43 50.45 -3.83
C LYS B 335 -3.77 49.76 -5.02
N ILE B 336 -4.52 48.93 -5.74
CA ILE B 336 -3.99 48.22 -6.90
C ILE B 336 -4.31 49.01 -8.18
N GLY B 337 -3.26 49.44 -8.88
CA GLY B 337 -3.39 50.06 -10.20
C GLY B 337 -4.01 51.44 -10.23
#